data_9JAO
#
_entry.id   9JAO
#
_cell.length_a   1.00
_cell.length_b   1.00
_cell.length_c   1.00
_cell.angle_alpha   90.00
_cell.angle_beta   90.00
_cell.angle_gamma   90.00
#
_symmetry.space_group_name_H-M   'P 1'
#
loop_
_entity.id
_entity.type
_entity.pdbx_description
1 polymer 'SWI/SNF-related matrix-associated actin-dependent regulator of chromatin subfamily A containing DEAD/H box 1'
2 polymer 'Histone H3'
3 polymer 'Histone H4'
4 polymer 'Histone H2A'
5 polymer 'Histone H2B 1.1'
6 polymer 'DNA (157-MER)'
7 polymer 'DNA (157-MER)'
8 non-polymer "ADENOSINE-5'-DIPHOSPHATE"
9 non-polymer 'BERYLLIUM TRIFLUORIDE ION'
10 non-polymer 'MAGNESIUM ION'
#
loop_
_entity_poly.entity_id
_entity_poly.type
_entity_poly.pdbx_seq_one_letter_code
_entity_poly.pdbx_strand_id
1 'polypeptide(L)'
;MHHHHHHHHHHHHGEFDIDAGGGPRKRKLSSSSEPYEEDEFNDDQSIKKTRLDHGEESNESAESSSNWEKQESIVLKLQK
EFPNFDKQELREVLKEHEWMYTEALESLKVFAEDQDMQYVSQSEVPNGKEVSSRSQNYPKNATKTKLKQKFSMKAQNGFN
KKRKKNVFNPKRVVEDSEYDSGSDVGSSLDEDYSSGEEVMEDGYKGKILHFLQDASIGELTLIPQCSQKKAQKITELRPF
NSWEALFTKMSKTNGLSEDLIWHCKTLIQERDVVIRLMNKCEDISNKLTKQVTMLTGNGGGWNIEQPSILNQSLSLKPYQ
KVGLNWLALVHKHGLNGILADEMGLGKTIQAIAFLAYLYQEGNNGPHLIVVPASTIDNWLREVNLWCPTLKVLCYYGSQE
ERKQIRFNIHSRYEDYNVIVTTYNCAISSSDDRSLFRRLKLNYAIFDEGHMLKNMGSIRYQHLMTINANNRLLLTGTPVQ
NNLLELMSLLNFVMPHMFSSSTSEIRRMFSSKTKSADEQSIYEKERIAHAKQIIKPFILRRVKEEVLKQLPPKKDRIELC
AMSEKQEQLYLGLFNRLKKSINNLEKNTEMCNVMMQLRKMANHPLLHRQYYTAEKLKEMSQLMLKEPTHCEANPDLIFED
MEVMTDFELHVLCKQYRHINNFQLDMDLILDSGKFRVLGCILSELKQKGDRVVLFSQFTMMLDILEVLLKHHQHRYLRLD
GKTQISERIHLIDEFNTDMDIFVFLLSTKAGGLGINLTSANVVILHDIDCNPYNDKQAEDRCHRVGQTKEVLVIKLISQG
TIEESMLKINQQKLKLEQDMTTVDEGDEGSMPADIATLLKTSMGL
;
C,K
2 'polypeptide(L)'
;MARTKQTARKSTGGKAPRKQLATKAARKSAPATGGVKKPHRYRPGTVALREIRRYQKSTELLIRKLPFQRLVREIAQDFK
TDLRFQSSAVMALQEASEAYLVALFEDTNLCAIHAKRVTIMPKDIQLARRIRGERA
;
D,E
3 'polypeptide(L)'
;MSGRGKGGKGLGKGGAKRHRKVLRDNIQGITKPAIRRLARRGGVKRISGLIYEETRGVLKVFLENVIRDAVTYTEHAKRK
TVTAMDVVYALKRQGRTLYGFGG
;
B,F
4 'polypeptide(L)'
;MSGRGKQGGKTRAKAKTRSSRAGLQFPVGRVHRLLRKGNYAERVGAGAPVYLAAVLEYLTAEILELAGNAARDNKKTRII
PRHLQLAVRNDEELNKLLGRVTIAQGGVLPNIQSVLLPKKTESSKSAKSK
;
G
5 'polypeptide(L)'
;MAKSAPAPKKGSKKAVTKTQKKDGKKRRKTRKESYAIYVYKVLKQVHPDTGISSKAMSIMNSFVNDVFERIAGEASRLAH
YNKRSTITSREIQTAVRLLLPGELAKHAVSEGTKAVTKYTSAK
;
H
6 'polydeoxyribonucleotide'
;(DC)(DC)(DG)(DC)(DC)(DC)(DT)(DC)(DG)(DA)(DG)(DA)(DA)(DT)(DC)(DC)(DC)(DG)(DG)(DT)
(DG)(DC)(DC)(DG)(DA)(DG)(DG)(DC)(DC)(DG)(DC)(DT)(DC)(DA)(DA)(DT)(DT)(DG)(DG)(DT)
(DC)(DG)(DT)(DA)(DG)(DA)(DC)(DA)(DG)(DC)(DT)(DC)(DT)(DA)(DG)(DC)(DA)(DC)(DC)(DG)
(DC)(DT)(DT)(DA)(DA)(DA)(DC)(DG)(DC)(DA)(DC)(DG)(DT)(DA)(DC)(DG)(DC)(DG)(DC)(DT)
(DG)(DT)(DC)(DC)(DC)(DC)(DC)(DG)(DC)(DG)(DT)(DT)(DT)(DT)(DA)(DA)(DC)(DC)(DG)(DC)
(DC)(DA)(DA)(DG)(DG)(DG)(DG)(DA)(DT)(DT)(DA)(DC)(DT)(DC)(DC)(DC)(DT)(DA)(DG)(DT)
(DC)(DT)(DC)(DC)(DA)(DG)(DG)(DC)(DA)(DC)(DG)(DT)(DG)(DT)(DC)(DA)(DG)(DA)(DT)(DA)
(DT)(DA)(DT)(DA)(DC)(DA)(DT)(DC)(DC)(DT)(DG)(DA)(DA)(DG)(DC)(DT)(DT)
;
I
7 'polydeoxyribonucleotide'
;(DA)(DA)(DG)(DC)(DT)(DT)(DC)(DA)(DG)(DG)(DA)(DT)(DG)(DT)(DA)(DT)(DA)(DT)(DA)(DT)
(DC)(DT)(DG)(DA)(DC)(DA)(DC)(DG)(DT)(DG)(DC)(DC)(DT)(DG)(DG)(DA)(DG)(DA)(DC)(DT)
(DA)(DG)(DG)(DG)(DA)(DG)(DT)(DA)(DA)(DT)(DC)(DC)(DC)(DC)(DT)(DT)(DG)(DG)(DC)(DG)
(DG)(DT)(DT)(DA)(DA)(DA)(DA)(DC)(DG)(DC)(DG)(DG)(DG)(DG)(DG)(DA)(DC)(DA)(DG)(DC)
(DG)(DC)(DG)(DT)(DA)(DC)(DG)(DT)(DG)(DC)(DG)(DT)(DT)(DT)(DA)(DA)(DG)(DC)(DG)(DG)
(DT)(DG)(DC)(DT)(DA)(DG)(DA)(DG)(DC)(DT)(DG)(DT)(DC)(DT)(DA)(DC)(DG)(DA)(DC)(DC)
(DA)(DA)(DT)(DT)(DG)(DA)(DG)(DC)(DG)(DG)(DC)(DC)(DT)(DC)(DG)(DG)(DC)(DA)(DC)(DC)
(DG)(DG)(DG)(DA)(DT)(DT)(DC)(DT)(DC)(DG)(DA)(DG)(DG)(DG)(DC)(DG)(DG)
;
J
#
loop_
_chem_comp.id
_chem_comp.type
_chem_comp.name
_chem_comp.formula
ADP non-polymer ADENOSINE-5'-DIPHOSPHATE 'C10 H15 N5 O10 P2'
BEF non-polymer 'BERYLLIUM TRIFLUORIDE ION' 'Be F3 -1'
DA DNA linking 2'-DEOXYADENOSINE-5'-MONOPHOSPHATE 'C10 H14 N5 O6 P'
DC DNA linking 2'-DEOXYCYTIDINE-5'-MONOPHOSPHATE 'C9 H14 N3 O7 P'
DG DNA linking 2'-DEOXYGUANOSINE-5'-MONOPHOSPHATE 'C10 H14 N5 O7 P'
DT DNA linking THYMIDINE-5'-MONOPHOSPHATE 'C10 H15 N2 O8 P'
MG non-polymer 'MAGNESIUM ION' 'Mg 2'
#
# COMPACT_ATOMS: atom_id res chain seq x y z
N SER A 194 25.15 13.76 16.21
CA SER A 194 25.99 12.68 16.71
C SER A 194 25.51 12.17 18.06
N SER A 195 26.01 11.01 18.46
CA SER A 195 25.64 10.40 19.74
C SER A 195 26.73 10.72 20.77
N GLY A 196 26.34 11.37 21.86
CA GLY A 196 27.26 11.71 22.92
C GLY A 196 26.66 11.48 24.28
N GLU A 197 27.51 11.55 25.30
CA GLU A 197 27.06 11.44 26.68
C GLU A 197 26.30 12.69 27.07
N GLU A 198 25.03 12.53 27.41
CA GLU A 198 24.16 13.67 27.73
C GLU A 198 24.24 13.95 29.22
N VAL A 199 24.78 15.13 29.57
CA VAL A 199 24.96 15.50 30.96
C VAL A 199 23.67 16.17 31.47
N MET A 200 23.11 15.62 32.55
CA MET A 200 21.95 16.20 33.18
C MET A 200 22.27 17.60 33.72
N GLU A 201 21.59 18.62 33.20
CA GLU A 201 21.78 19.96 33.73
C GLU A 201 21.11 20.09 35.10
N ASP A 202 21.66 20.99 35.93
CA ASP A 202 21.16 21.15 37.30
C ASP A 202 19.69 21.57 37.32
N GLY A 203 19.31 22.51 36.44
CA GLY A 203 17.93 22.92 36.38
C GLY A 203 16.98 21.80 36.01
N TYR A 204 17.36 20.99 35.01
CA TYR A 204 16.58 19.82 34.67
C TYR A 204 16.59 18.76 35.76
N LYS A 205 17.71 18.59 36.48
CA LYS A 205 17.71 17.72 37.65
C LYS A 205 16.65 18.16 38.65
N GLY A 206 16.62 19.46 38.97
CA GLY A 206 15.65 19.95 39.93
C GLY A 206 14.22 19.81 39.44
N LYS A 207 13.99 20.10 38.16
CA LYS A 207 12.64 19.96 37.61
C LYS A 207 12.17 18.51 37.64
N ILE A 208 13.03 17.57 37.25
CA ILE A 208 12.66 16.17 37.27
C ILE A 208 12.39 15.72 38.70
N LEU A 209 13.24 16.14 39.65
CA LEU A 209 13.05 15.76 41.04
C LEU A 209 11.73 16.30 41.58
N HIS A 210 11.42 17.56 41.29
CA HIS A 210 10.17 18.15 41.77
C HIS A 210 8.97 17.45 41.17
N PHE A 211 9.00 17.17 39.86
CA PHE A 211 7.88 16.50 39.21
C PHE A 211 7.68 15.11 39.79
N LEU A 212 8.75 14.32 39.91
CA LEU A 212 8.64 12.99 40.47
C LEU A 212 8.20 13.03 41.93
N GLN A 213 8.51 14.13 42.63
CA GLN A 213 8.08 14.26 44.02
C GLN A 213 6.61 14.61 44.12
N ASP A 214 6.07 15.34 43.15
CA ASP A 214 4.72 15.87 43.27
C ASP A 214 3.76 15.44 42.16
N ALA A 215 4.18 14.59 41.23
CA ALA A 215 3.26 14.14 40.19
C ALA A 215 2.26 13.12 40.75
N SER A 216 1.07 13.12 40.18
CA SER A 216 0.04 12.16 40.56
C SER A 216 0.28 10.83 39.85
N ILE A 217 -0.54 9.83 40.19
CA ILE A 217 -0.41 8.51 39.57
C ILE A 217 -0.64 8.59 38.08
N GLY A 218 -1.69 9.31 37.67
CA GLY A 218 -1.90 9.55 36.25
C GLY A 218 -0.79 10.35 35.62
N GLU A 219 -0.28 11.35 36.33
CA GLU A 219 0.84 12.13 35.81
C GLU A 219 2.10 11.28 35.71
N LEU A 220 2.35 10.41 36.69
CA LEU A 220 3.47 9.50 36.59
C LEU A 220 3.31 8.52 35.43
N THR A 221 2.06 8.16 35.10
CA THR A 221 1.80 7.32 33.94
C THR A 221 2.18 8.01 32.65
N LEU A 222 2.07 9.34 32.58
CA LEU A 222 2.38 10.08 31.36
C LEU A 222 3.84 9.91 30.94
N ILE A 223 4.73 9.59 31.87
CA ILE A 223 6.13 9.36 31.52
C ILE A 223 6.23 8.14 30.61
N PRO A 224 7.01 8.19 29.54
CA PRO A 224 7.16 7.01 28.68
C PRO A 224 7.79 5.86 29.43
N GLN A 225 7.70 4.67 28.82
CA GLN A 225 8.13 3.42 29.44
C GLN A 225 7.37 3.21 30.76
N CYS A 226 6.04 3.20 30.66
CA CYS A 226 5.19 3.22 31.84
C CYS A 226 5.43 2.03 32.76
N SER A 227 5.07 0.83 32.30
CA SER A 227 5.18 -0.37 33.13
C SER A 227 4.62 -0.10 34.51
N GLN A 228 3.31 0.13 34.60
CA GLN A 228 2.69 0.88 35.70
C GLN A 228 3.13 0.44 37.08
N LYS A 229 3.71 -0.76 37.24
CA LYS A 229 4.37 -1.08 38.50
C LYS A 229 5.56 -0.16 38.75
N LYS A 230 6.27 0.22 37.68
CA LYS A 230 7.38 1.16 37.82
C LYS A 230 6.93 2.51 38.35
N ALA A 231 5.81 3.03 37.84
CA ALA A 231 5.30 4.29 38.35
C ALA A 231 4.83 4.15 39.79
N GLN A 232 4.26 2.99 40.14
CA GLN A 232 3.83 2.77 41.52
C GLN A 232 5.02 2.75 42.48
N LYS A 233 6.15 2.18 42.06
CA LYS A 233 7.33 2.12 42.92
C LYS A 233 7.86 3.51 43.27
N ILE A 234 7.51 4.53 42.50
CA ILE A 234 7.93 5.90 42.81
C ILE A 234 7.34 6.34 44.15
N THR A 235 6.06 6.01 44.38
CA THR A 235 5.42 6.37 45.64
C THR A 235 6.09 5.67 46.81
N GLU A 236 6.44 4.39 46.64
CA GLU A 236 7.16 3.68 47.70
C GLU A 236 8.53 4.29 47.94
N LEU A 237 9.20 4.61 46.82
CA LEU A 237 10.52 5.22 46.80
C LEU A 237 10.30 6.70 46.93
N ARG A 238 9.87 7.09 48.13
CA ARG A 238 9.56 8.48 48.42
C ARG A 238 10.51 9.26 49.35
N PRO A 239 11.71 8.72 49.66
CA PRO A 239 12.55 9.57 50.52
C PRO A 239 12.91 10.88 49.84
N PHE A 240 13.23 10.82 48.55
CA PHE A 240 13.58 12.00 47.76
C PHE A 240 14.75 12.64 48.48
N ASN A 241 15.53 11.76 49.10
CA ASN A 241 16.74 12.10 49.84
C ASN A 241 17.67 13.18 49.28
N SER A 242 17.83 13.07 47.98
CA SER A 242 18.75 13.80 47.12
C SER A 242 18.66 13.24 45.71
N TRP A 243 19.16 14.02 44.75
CA TRP A 243 19.14 13.59 43.35
C TRP A 243 19.93 12.31 43.16
N GLU A 244 21.16 12.27 43.70
CA GLU A 244 21.92 11.02 43.69
C GLU A 244 21.23 9.96 44.53
N ALA A 245 20.66 10.37 45.67
CA ALA A 245 19.87 9.44 46.46
C ALA A 245 18.62 8.98 45.71
N LEU A 246 18.03 9.88 44.92
CA LEU A 246 16.89 9.48 44.07
C LEU A 246 17.30 8.40 43.08
N PHE A 247 18.45 8.60 42.41
CA PHE A 247 18.93 7.59 41.47
C PHE A 247 19.24 6.28 42.18
N THR A 248 19.73 6.40 43.40
CA THR A 248 20.04 5.24 44.22
C THR A 248 18.79 4.43 44.50
N LYS A 249 17.71 5.11 44.89
CA LYS A 249 16.47 4.43 45.19
C LYS A 249 15.85 3.78 43.95
N MET A 250 15.89 4.49 42.83
CA MET A 250 15.34 3.98 41.58
C MET A 250 16.09 2.76 41.12
N SER A 251 17.42 2.79 41.20
CA SER A 251 18.18 1.64 40.72
C SER A 251 18.06 0.46 41.68
N LYS A 252 18.03 0.73 42.99
CA LYS A 252 17.96 -0.34 43.97
C LYS A 252 16.60 -1.05 43.98
N THR A 253 15.56 -0.41 43.47
CA THR A 253 14.24 -1.03 43.40
C THR A 253 14.18 -1.91 42.15
N ASN A 254 14.19 -3.21 42.35
CA ASN A 254 14.22 -4.16 41.24
C ASN A 254 12.96 -4.01 40.38
N GLY A 255 13.15 -4.07 39.07
CA GLY A 255 12.06 -3.87 38.13
C GLY A 255 11.96 -2.46 37.58
N LEU A 256 13.07 -1.71 37.59
CA LEU A 256 13.10 -0.35 37.08
C LEU A 256 14.21 -0.22 36.06
N SER A 257 14.20 0.91 35.34
CA SER A 257 15.21 1.20 34.33
C SER A 257 15.70 2.63 34.48
N GLU A 258 16.96 2.86 34.10
CA GLU A 258 17.53 4.21 34.13
C GLU A 258 16.85 5.14 33.13
N ASP A 259 16.45 4.62 31.97
CA ASP A 259 15.89 5.45 30.90
C ASP A 259 14.66 6.21 31.36
N LEU A 260 13.97 5.73 32.41
CA LEU A 260 12.84 6.47 32.95
C LEU A 260 13.23 7.90 33.29
N ILE A 261 14.39 8.09 33.93
CA ILE A 261 14.84 9.45 34.24
C ILE A 261 15.01 10.26 32.96
N TRP A 262 15.54 9.63 31.91
CA TRP A 262 15.58 10.28 30.61
C TRP A 262 14.16 10.53 30.09
N HIS A 263 13.27 9.54 30.22
CA HIS A 263 11.93 9.68 29.66
C HIS A 263 11.20 10.87 30.25
N CYS A 264 11.14 10.95 31.58
CA CYS A 264 10.56 12.12 32.22
C CYS A 264 11.33 13.38 31.83
N LYS A 265 12.66 13.27 31.69
CA LYS A 265 13.43 14.40 31.20
C LYS A 265 12.87 14.93 29.90
N THR A 266 12.50 14.04 28.98
CA THR A 266 11.83 14.49 27.77
C THR A 266 10.48 15.11 28.10
N LEU A 267 9.66 14.42 28.90
CA LEU A 267 8.31 14.87 29.18
C LEU A 267 8.29 16.30 29.67
N ILE A 268 8.99 16.57 30.77
CA ILE A 268 9.06 17.92 31.31
C ILE A 268 9.56 18.89 30.24
N GLN A 269 10.64 18.52 29.55
CA GLN A 269 11.13 19.38 28.47
C GLN A 269 10.03 19.65 27.46
N GLU A 270 9.35 18.59 27.02
CA GLU A 270 8.22 18.80 26.11
C GLU A 270 7.17 19.68 26.75
N ARG A 271 6.84 19.43 28.02
CA ARG A 271 5.91 20.30 28.72
C ARG A 271 6.48 21.71 28.80
N ASP A 272 7.78 21.82 29.10
CA ASP A 272 8.44 23.12 29.09
C ASP A 272 8.29 23.79 27.73
N VAL A 273 8.35 23.00 26.65
CA VAL A 273 8.16 23.57 25.33
C VAL A 273 6.85 24.31 25.25
N VAL A 274 5.77 23.70 25.77
CA VAL A 274 4.48 24.37 25.77
C VAL A 274 4.49 25.57 26.72
N ILE A 275 5.18 25.44 27.85
CA ILE A 275 5.13 26.48 28.87
C ILE A 275 5.59 27.82 28.30
N ARG A 276 6.76 27.83 27.66
CA ARG A 276 7.21 29.03 26.98
C ARG A 276 6.20 29.48 25.95
N LEU A 277 5.65 28.53 25.18
CA LEU A 277 4.58 28.85 24.25
C LEU A 277 3.40 29.46 24.99
N MET A 278 3.02 28.87 26.13
CA MET A 278 2.04 29.51 26.99
C MET A 278 2.43 30.95 27.27
N ASN A 279 3.68 31.17 27.69
CA ASN A 279 4.15 32.51 27.95
C ASN A 279 4.10 33.35 26.68
N LYS A 280 4.45 32.75 25.54
CA LYS A 280 4.30 33.47 24.29
C LYS A 280 2.84 33.69 23.94
N CYS A 281 1.98 32.72 24.24
CA CYS A 281 0.59 32.82 23.81
C CYS A 281 -0.17 33.87 24.61
N GLU A 282 -0.08 33.82 25.94
CA GLU A 282 -0.86 34.74 26.76
C GLU A 282 -0.48 36.19 26.49
N ASP A 283 0.81 36.47 26.32
CA ASP A 283 1.24 37.81 25.93
C ASP A 283 0.66 38.18 24.57
N ILE A 284 0.65 37.22 23.64
CA ILE A 284 -0.06 37.42 22.38
C ILE A 284 -1.51 37.77 22.65
N SER A 285 -2.13 37.07 23.60
CA SER A 285 -3.43 37.52 24.10
C SER A 285 -3.31 38.88 24.77
N ASN A 286 -2.35 39.02 25.69
CA ASN A 286 -2.24 40.25 26.46
C ASN A 286 -1.97 41.45 25.58
N LYS A 287 -0.97 41.35 24.70
CA LYS A 287 -0.70 42.42 23.75
C LYS A 287 -1.94 42.76 22.93
N LEU A 288 -2.78 41.75 22.66
CA LEU A 288 -4.07 42.02 22.05
C LEU A 288 -5.02 42.65 23.06
N THR A 289 -5.21 42.00 24.22
CA THR A 289 -6.27 42.39 25.14
C THR A 289 -6.04 43.75 25.77
N LYS A 290 -4.85 44.34 25.63
CA LYS A 290 -4.68 45.73 26.03
C LYS A 290 -5.21 46.69 24.98
N GLN A 291 -4.84 46.47 23.70
CA GLN A 291 -5.25 47.40 22.65
C GLN A 291 -6.75 47.38 22.43
N VAL A 292 -7.41 46.27 22.80
CA VAL A 292 -8.85 46.19 22.64
C VAL A 292 -9.55 47.07 23.65
N THR A 293 -8.83 47.53 24.69
CA THR A 293 -9.46 48.25 25.79
C THR A 293 -9.46 49.76 25.58
N MET A 294 -8.34 50.33 25.11
CA MET A 294 -8.22 51.78 25.03
C MET A 294 -9.12 52.39 23.96
N LEU A 295 -9.65 51.58 23.03
CA LEU A 295 -10.57 52.11 22.05
C LEU A 295 -11.87 52.57 22.70
N THR A 296 -12.29 51.91 23.77
CA THR A 296 -13.49 52.31 24.50
C THR A 296 -13.32 53.65 25.20
N GLY A 297 -12.08 54.09 25.44
CA GLY A 297 -11.86 55.35 26.13
C GLY A 297 -12.34 56.56 25.36
N ASN A 298 -12.07 56.59 24.07
CA ASN A 298 -12.48 57.73 23.25
C ASN A 298 -13.98 57.71 23.00
N GLY A 299 -14.55 58.89 22.73
CA GLY A 299 -15.95 58.95 22.37
C GLY A 299 -16.26 58.19 21.09
N GLY A 300 -15.39 58.34 20.09
CA GLY A 300 -15.47 57.54 18.89
C GLY A 300 -14.17 56.80 18.64
N GLY A 301 -14.24 55.48 18.49
CA GLY A 301 -13.03 54.70 18.34
C GLY A 301 -12.85 54.15 16.93
N TRP A 302 -12.21 52.99 16.83
CA TRP A 302 -11.94 52.37 15.53
C TRP A 302 -13.12 51.53 15.06
N ASN A 303 -14.27 52.19 14.89
CA ASN A 303 -15.47 51.55 14.35
C ASN A 303 -15.38 51.59 12.83
N ILE A 304 -14.83 50.52 12.25
CA ILE A 304 -14.69 50.43 10.80
C ILE A 304 -16.09 50.29 10.23
N GLU A 305 -16.59 51.37 9.64
CA GLU A 305 -17.96 51.40 9.14
C GLU A 305 -18.07 50.57 7.86
N GLN A 306 -19.30 50.45 7.36
CA GLN A 306 -19.56 49.69 6.16
C GLN A 306 -18.79 50.30 4.99
N PRO A 307 -17.97 49.53 4.29
CA PRO A 307 -17.17 50.10 3.20
C PRO A 307 -18.04 50.66 2.09
N SER A 308 -17.57 51.74 1.48
CA SER A 308 -18.27 52.33 0.34
C SER A 308 -18.33 51.41 -0.86
N ILE A 309 -17.45 50.41 -0.91
CA ILE A 309 -17.45 49.47 -2.02
C ILE A 309 -18.70 48.59 -2.00
N LEU A 310 -19.20 48.26 -0.81
CA LEU A 310 -20.33 47.35 -0.71
C LEU A 310 -21.58 47.94 -1.34
N ASN A 311 -22.55 47.06 -1.60
CA ASN A 311 -23.84 47.44 -2.18
C ASN A 311 -24.57 48.39 -1.25
N GLN A 312 -24.75 49.64 -1.67
CA GLN A 312 -25.37 50.64 -0.81
C GLN A 312 -26.79 50.25 -0.40
N SER A 313 -27.52 49.57 -1.27
CA SER A 313 -28.89 49.16 -0.96
C SER A 313 -28.93 48.05 0.08
N LEU A 314 -27.79 47.44 0.40
CA LEU A 314 -27.69 46.43 1.44
C LEU A 314 -26.83 46.97 2.57
N SER A 315 -27.16 46.56 3.79
CA SER A 315 -26.48 47.08 4.97
C SER A 315 -26.12 45.94 5.90
N LEU A 316 -24.96 46.09 6.56
CA LEU A 316 -24.51 45.11 7.54
C LEU A 316 -25.36 45.19 8.79
N LYS A 317 -25.57 44.06 9.45
CA LYS A 317 -26.25 44.05 10.73
C LYS A 317 -25.23 44.33 11.84
N PRO A 318 -25.70 44.84 12.99
CA PRO A 318 -24.74 45.32 14.01
C PRO A 318 -23.72 44.27 14.45
N TYR A 319 -24.14 43.03 14.67
CA TYR A 319 -23.19 42.00 15.07
C TYR A 319 -22.21 41.67 13.94
N GLN A 320 -22.66 41.75 12.69
CA GLN A 320 -21.72 41.59 11.58
C GLN A 320 -20.69 42.72 11.56
N LYS A 321 -21.10 43.94 11.89
CA LYS A 321 -20.13 45.03 12.04
C LYS A 321 -19.16 44.74 13.18
N VAL A 322 -19.65 44.20 14.29
CA VAL A 322 -18.77 43.82 15.39
C VAL A 322 -17.72 42.81 14.92
N GLY A 323 -18.16 41.78 14.21
CA GLY A 323 -17.22 40.81 13.69
C GLY A 323 -16.24 41.42 12.71
N LEU A 324 -16.71 42.36 11.89
CA LEU A 324 -15.84 43.01 10.91
C LEU A 324 -14.73 43.79 11.62
N ASN A 325 -15.09 44.51 12.68
CA ASN A 325 -14.09 45.23 13.45
C ASN A 325 -13.10 44.26 14.10
N TRP A 326 -13.60 43.13 14.60
CA TRP A 326 -12.72 42.13 15.20
C TRP A 326 -11.70 41.62 14.19
N LEU A 327 -12.17 41.23 13.00
CA LEU A 327 -11.25 40.75 11.97
C LEU A 327 -10.24 41.82 11.57
N ALA A 328 -10.70 43.07 11.39
CA ALA A 328 -9.78 44.11 10.98
C ALA A 328 -8.68 44.32 12.01
N LEU A 329 -9.04 44.39 13.29
CA LEU A 329 -8.02 44.66 14.30
C LEU A 329 -7.08 43.47 14.46
N VAL A 330 -7.62 42.23 14.42
CA VAL A 330 -6.75 41.07 14.59
C VAL A 330 -5.79 40.95 13.40
N HIS A 331 -6.24 41.36 12.21
CA HIS A 331 -5.30 41.48 11.10
C HIS A 331 -4.23 42.51 11.39
N LYS A 332 -4.63 43.65 11.98
CA LYS A 332 -3.69 44.74 12.16
C LYS A 332 -2.49 44.35 13.04
N HIS A 333 -2.62 43.32 13.87
CA HIS A 333 -1.49 42.75 14.59
C HIS A 333 -0.85 41.56 13.89
N GLY A 334 -1.30 41.24 12.67
CA GLY A 334 -0.70 40.16 11.92
C GLY A 334 -0.92 38.78 12.49
N LEU A 335 -2.14 38.47 12.90
CA LEU A 335 -2.49 37.15 13.40
C LEU A 335 -3.53 36.50 12.49
N ASN A 336 -3.79 35.22 12.75
CA ASN A 336 -4.84 34.47 12.09
C ASN A 336 -5.89 34.08 13.12
N GLY A 337 -7.16 34.20 12.75
CA GLY A 337 -8.26 33.89 13.64
C GLY A 337 -9.14 32.76 13.18
N ILE A 338 -10.21 32.54 13.94
CA ILE A 338 -11.27 31.62 13.57
C ILE A 338 -12.62 32.28 13.83
N LEU A 339 -13.43 32.41 12.79
CA LEU A 339 -14.72 33.10 12.88
C LEU A 339 -15.77 32.04 13.13
N ALA A 340 -15.92 31.63 14.38
CA ALA A 340 -16.72 30.46 14.75
C ALA A 340 -18.17 30.82 15.03
N ASP A 341 -18.70 31.80 14.30
CA ASP A 341 -20.08 32.18 14.49
C ASP A 341 -21.00 31.01 14.18
N GLU A 342 -22.17 31.01 14.82
CA GLU A 342 -23.09 29.90 14.69
C GLU A 342 -23.70 29.88 13.28
N MET A 343 -24.30 28.74 12.94
CA MET A 343 -24.81 28.53 11.59
C MET A 343 -25.91 29.54 11.26
N GLY A 344 -25.63 30.40 10.27
CA GLY A 344 -26.63 31.28 9.73
C GLY A 344 -26.49 32.75 10.06
N LEU A 345 -25.40 33.15 10.72
CA LEU A 345 -25.25 34.54 11.12
C LEU A 345 -24.64 35.41 10.04
N GLY A 346 -24.13 34.83 8.96
CA GLY A 346 -23.63 35.63 7.86
C GLY A 346 -22.12 35.66 7.75
N LYS A 347 -21.46 34.53 8.05
CA LYS A 347 -20.01 34.50 7.99
C LYS A 347 -19.50 34.81 6.59
N THR A 348 -20.21 34.35 5.55
CA THR A 348 -19.82 34.68 4.20
C THR A 348 -19.87 36.18 3.94
N ILE A 349 -20.95 36.82 4.36
CA ILE A 349 -21.08 38.27 4.19
C ILE A 349 -19.99 38.99 4.96
N GLN A 350 -19.67 38.52 6.17
CA GLN A 350 -18.62 39.13 6.97
C GLN A 350 -17.27 39.03 6.27
N ALA A 351 -16.96 37.87 5.71
CA ALA A 351 -15.70 37.70 5.01
C ALA A 351 -15.63 38.58 3.76
N ILE A 352 -16.73 38.67 3.01
CA ILE A 352 -16.72 39.48 1.80
C ILE A 352 -16.54 40.95 2.15
N ALA A 353 -17.22 41.42 3.19
CA ALA A 353 -17.04 42.81 3.62
C ALA A 353 -15.63 43.05 4.10
N PHE A 354 -15.03 42.05 4.76
CA PHE A 354 -13.65 42.20 5.21
C PHE A 354 -12.70 42.34 4.02
N LEU A 355 -12.90 41.50 3.00
CA LEU A 355 -12.07 41.62 1.80
C LEU A 355 -12.29 42.96 1.10
N ALA A 356 -13.53 43.44 1.10
CA ALA A 356 -13.79 44.76 0.53
C ALA A 356 -13.06 45.85 1.29
N TYR A 357 -13.02 45.73 2.62
CA TYR A 357 -12.27 46.69 3.42
C TYR A 357 -10.79 46.67 3.05
N LEU A 358 -10.22 45.46 2.89
CA LEU A 358 -8.86 45.37 2.37
C LEU A 358 -8.70 46.10 1.05
N TYR A 359 -9.61 45.85 0.11
CA TYR A 359 -9.49 46.49 -1.20
C TYR A 359 -9.57 47.99 -1.07
N GLN A 360 -10.33 48.49 -0.10
CA GLN A 360 -10.33 49.92 0.17
C GLN A 360 -8.99 50.40 0.69
N GLU A 361 -8.34 49.61 1.54
CA GLU A 361 -7.06 50.03 2.12
C GLU A 361 -5.88 49.80 1.18
N GLY A 362 -6.11 49.67 -0.12
CA GLY A 362 -5.04 49.49 -1.06
C GLY A 362 -4.50 48.09 -1.20
N ASN A 363 -5.17 47.10 -0.60
CA ASN A 363 -4.76 45.70 -0.71
C ASN A 363 -5.68 45.00 -1.70
N ASN A 364 -5.10 44.80 -2.87
CA ASN A 364 -5.76 44.16 -3.98
C ASN A 364 -5.13 42.83 -4.30
N GLY A 365 -4.34 42.27 -3.39
CA GLY A 365 -3.64 41.01 -3.64
C GLY A 365 -4.57 39.83 -3.88
N PRO A 366 -4.12 38.82 -4.63
CA PRO A 366 -5.05 37.71 -4.88
C PRO A 366 -5.26 37.04 -3.55
N HIS A 367 -6.51 36.88 -3.16
CA HIS A 367 -6.85 36.26 -1.92
C HIS A 367 -7.72 35.14 -2.30
N LEU A 368 -7.44 33.98 -1.80
CA LEU A 368 -8.20 32.82 -2.11
C LEU A 368 -9.45 32.61 -1.32
N ILE A 369 -10.26 31.66 -1.72
CA ILE A 369 -11.33 31.13 -0.91
C ILE A 369 -11.53 29.67 -1.30
N VAL A 370 -11.55 28.79 -0.30
CA VAL A 370 -11.73 27.36 -0.51
C VAL A 370 -13.05 26.98 0.13
N VAL A 371 -13.94 26.39 -0.66
CA VAL A 371 -15.34 26.22 -0.25
C VAL A 371 -15.73 24.78 -0.51
N PRO A 372 -16.79 24.30 0.18
CA PRO A 372 -17.34 22.99 -0.16
C PRO A 372 -17.98 23.00 -1.54
N ALA A 373 -18.11 21.80 -2.11
CA ALA A 373 -18.55 21.69 -3.49
C ALA A 373 -19.95 22.26 -3.70
N SER A 374 -20.88 21.95 -2.79
CA SER A 374 -22.26 22.41 -2.95
C SER A 374 -22.43 23.89 -2.66
N THR A 375 -21.41 24.56 -2.13
CA THR A 375 -21.54 25.96 -1.73
C THR A 375 -20.95 26.93 -2.76
N ILE A 376 -20.07 26.46 -3.64
CA ILE A 376 -19.26 27.37 -4.47
C ILE A 376 -20.14 28.33 -5.26
N ASP A 377 -21.21 27.83 -5.88
CA ASP A 377 -22.09 28.70 -6.65
C ASP A 377 -22.55 29.89 -5.82
N ASN A 378 -23.07 29.63 -4.62
CA ASN A 378 -23.54 30.71 -3.77
C ASN A 378 -22.44 31.74 -3.52
N TRP A 379 -21.21 31.27 -3.29
CA TRP A 379 -20.12 32.22 -3.06
C TRP A 379 -19.96 33.15 -4.25
N LEU A 380 -19.93 32.60 -5.46
CA LEU A 380 -19.79 33.44 -6.64
C LEU A 380 -20.95 34.41 -6.75
N ARG A 381 -22.12 34.00 -6.25
CA ARG A 381 -23.27 34.90 -6.26
C ARG A 381 -23.09 36.03 -5.27
N GLU A 382 -22.56 35.74 -4.08
CA GLU A 382 -22.54 36.77 -3.04
C GLU A 382 -21.44 37.79 -3.29
N VAL A 383 -20.25 37.35 -3.68
CA VAL A 383 -19.11 38.25 -3.84
C VAL A 383 -19.46 39.36 -4.81
N ASN A 384 -20.33 39.08 -5.78
CA ASN A 384 -20.85 40.12 -6.65
C ASN A 384 -21.87 40.99 -5.91
N LEU A 385 -22.98 40.40 -5.45
CA LEU A 385 -24.11 41.18 -4.95
C LEU A 385 -23.73 42.09 -3.80
N TRP A 386 -22.63 41.80 -3.11
CA TRP A 386 -22.16 42.74 -2.10
C TRP A 386 -20.97 43.56 -2.59
N CYS A 387 -20.05 42.96 -3.34
CA CYS A 387 -18.78 43.59 -3.68
C CYS A 387 -18.43 43.36 -5.14
N PRO A 388 -19.16 44.00 -6.07
CA PRO A 388 -18.90 43.75 -7.49
C PRO A 388 -17.54 44.24 -7.96
N THR A 389 -16.87 45.11 -7.20
CA THR A 389 -15.57 45.63 -7.62
C THR A 389 -14.51 44.54 -7.66
N LEU A 390 -14.69 43.48 -6.86
CA LEU A 390 -13.70 42.42 -6.80
C LEU A 390 -13.72 41.58 -8.08
N LYS A 391 -12.54 41.37 -8.66
CA LYS A 391 -12.42 40.51 -9.82
C LYS A 391 -12.30 39.06 -9.36
N VAL A 392 -13.23 38.21 -9.80
CA VAL A 392 -13.41 36.88 -9.25
C VAL A 392 -13.09 35.85 -10.32
N LEU A 393 -12.27 34.87 -9.97
CA LEU A 393 -11.98 33.74 -10.85
C LEU A 393 -12.48 32.46 -10.18
N CYS A 394 -13.47 31.83 -10.78
CA CYS A 394 -13.97 30.54 -10.31
C CYS A 394 -13.08 29.46 -10.91
N TYR A 395 -11.98 29.15 -10.24
CA TYR A 395 -11.07 28.10 -10.72
C TYR A 395 -11.66 26.76 -10.33
N TYR A 396 -12.51 26.24 -11.21
CA TYR A 396 -13.19 24.98 -10.97
C TYR A 396 -13.49 24.32 -12.31
N GLY A 397 -13.66 23.01 -12.30
CA GLY A 397 -14.04 22.25 -13.47
C GLY A 397 -13.12 21.08 -13.69
N SER A 398 -13.32 20.42 -14.83
CA SER A 398 -12.49 19.29 -15.20
C SER A 398 -11.05 19.74 -15.43
N GLN A 399 -10.16 18.74 -15.52
CA GLN A 399 -8.74 19.05 -15.69
C GLN A 399 -8.49 19.89 -16.94
N GLU A 400 -9.31 19.71 -17.97
CA GLU A 400 -9.15 20.50 -19.19
C GLU A 400 -9.48 21.97 -18.95
N GLU A 401 -10.65 22.22 -18.34
CA GLU A 401 -11.04 23.59 -18.04
C GLU A 401 -10.07 24.23 -17.06
N ARG A 402 -9.63 23.46 -16.05
CA ARG A 402 -8.67 23.99 -15.10
C ARG A 402 -7.35 24.35 -15.79
N LYS A 403 -6.91 23.51 -16.73
CA LYS A 403 -5.65 23.78 -17.41
C LYS A 403 -5.80 25.00 -18.33
N GLN A 404 -6.98 25.17 -18.93
CA GLN A 404 -7.25 26.40 -19.68
C GLN A 404 -7.16 27.62 -18.78
N ILE A 405 -7.78 27.56 -17.61
CA ILE A 405 -7.75 28.68 -16.67
C ILE A 405 -6.32 28.97 -16.24
N ARG A 406 -5.55 27.91 -15.97
CA ARG A 406 -4.15 28.09 -15.59
C ARG A 406 -3.36 28.76 -16.70
N PHE A 407 -3.58 28.34 -17.95
CA PHE A 407 -2.86 28.94 -19.06
C PHE A 407 -3.23 30.40 -19.22
N ASN A 408 -4.52 30.73 -19.05
CA ASN A 408 -4.93 32.13 -19.17
C ASN A 408 -4.33 32.98 -18.06
N ILE A 409 -4.33 32.50 -16.82
CA ILE A 409 -3.85 33.33 -15.72
C ILE A 409 -2.34 33.50 -15.81
N HIS A 410 -1.61 32.43 -16.09
CA HIS A 410 -0.16 32.56 -16.23
C HIS A 410 0.21 33.31 -17.50
N SER A 411 -0.75 33.49 -18.42
CA SER A 411 -0.57 34.45 -19.50
C SER A 411 -0.72 35.88 -19.03
N ARG A 412 -1.12 36.09 -17.76
CA ARG A 412 -1.47 37.41 -17.26
C ARG A 412 -2.53 38.06 -18.15
N TYR A 413 -3.43 37.23 -18.66
CA TYR A 413 -4.49 37.72 -19.55
C TYR A 413 -5.43 38.67 -18.82
N GLU A 414 -5.78 38.35 -17.58
CA GLU A 414 -6.65 39.19 -16.77
C GLU A 414 -6.15 39.18 -15.33
N ASP A 415 -6.28 40.31 -14.66
CA ASP A 415 -5.89 40.43 -13.26
C ASP A 415 -7.04 40.05 -12.36
N TYR A 416 -6.74 39.28 -11.32
CA TYR A 416 -7.76 38.74 -10.44
C TYR A 416 -7.44 39.09 -9.00
N ASN A 417 -8.48 39.42 -8.23
CA ASN A 417 -8.33 39.67 -6.81
C ASN A 417 -8.66 38.47 -5.94
N VAL A 418 -9.69 37.71 -6.30
CA VAL A 418 -10.11 36.55 -5.51
C VAL A 418 -10.26 35.35 -6.43
N ILE A 419 -9.71 34.22 -6.00
CA ILE A 419 -9.86 32.93 -6.68
C ILE A 419 -10.67 32.03 -5.77
N VAL A 420 -11.78 31.51 -6.27
CA VAL A 420 -12.67 30.65 -5.51
C VAL A 420 -12.50 29.23 -6.02
N THR A 421 -12.23 28.29 -5.13
CA THR A 421 -12.02 26.90 -5.51
C THR A 421 -12.70 26.00 -4.49
N THR A 422 -12.67 24.70 -4.77
CA THR A 422 -13.22 23.70 -3.86
C THR A 422 -12.08 23.05 -3.07
N TYR A 423 -12.45 22.09 -2.23
CA TYR A 423 -11.43 21.41 -1.42
C TYR A 423 -10.64 20.42 -2.25
N ASN A 424 -11.29 19.80 -3.24
CA ASN A 424 -10.60 18.83 -4.07
C ASN A 424 -9.78 19.51 -5.16
N CYS A 425 -10.38 20.50 -5.83
CA CYS A 425 -9.72 21.17 -6.95
C CYS A 425 -8.47 21.93 -6.54
N ALA A 426 -8.30 22.23 -5.26
CA ALA A 426 -7.08 22.84 -4.77
C ALA A 426 -5.99 21.82 -4.50
N ILE A 427 -6.31 20.53 -4.51
CA ILE A 427 -5.39 19.47 -4.11
C ILE A 427 -5.27 18.36 -5.13
N SER A 428 -6.24 18.18 -6.02
CA SER A 428 -6.35 16.96 -6.82
C SER A 428 -5.07 16.68 -7.62
N SER A 429 -4.53 17.69 -8.29
CA SER A 429 -3.38 17.51 -9.15
C SER A 429 -2.21 18.32 -8.63
N SER A 430 -1.00 17.77 -8.84
CA SER A 430 0.21 18.47 -8.45
C SER A 430 0.37 19.78 -9.21
N ASP A 431 -0.24 19.88 -10.39
CA ASP A 431 -0.27 21.15 -11.12
C ASP A 431 -1.01 22.21 -10.32
N ASP A 432 -2.15 21.86 -9.73
CA ASP A 432 -2.90 22.81 -8.91
C ASP A 432 -2.10 23.22 -7.69
N ARG A 433 -1.44 22.26 -7.04
CA ARG A 433 -0.64 22.57 -5.86
C ARG A 433 0.51 23.50 -6.23
N SER A 434 1.16 23.26 -7.37
CA SER A 434 2.20 24.17 -7.84
C SER A 434 1.63 25.55 -8.13
N LEU A 435 0.45 25.61 -8.76
CA LEU A 435 -0.18 26.89 -9.03
C LEU A 435 -0.40 27.69 -7.75
N PHE A 436 -1.00 27.05 -6.74
CA PHE A 436 -1.29 27.78 -5.51
C PHE A 436 -0.05 28.06 -4.68
N ARG A 437 1.00 27.25 -4.82
CA ARG A 437 2.25 27.54 -4.11
C ARG A 437 3.00 28.71 -4.75
N ARG A 438 3.05 28.74 -6.09
CA ARG A 438 3.87 29.75 -6.75
C ARG A 438 3.14 31.07 -6.95
N LEU A 439 1.83 31.11 -6.76
CA LEU A 439 1.15 32.39 -6.62
C LEU A 439 1.51 33.02 -5.29
N LYS A 440 1.32 34.34 -5.20
CA LYS A 440 1.46 35.08 -3.95
C LYS A 440 0.06 35.45 -3.48
N LEU A 441 -0.37 34.82 -2.39
CA LEU A 441 -1.69 35.02 -1.83
C LEU A 441 -1.58 35.66 -0.45
N ASN A 442 -2.49 36.58 -0.15
CA ASN A 442 -2.49 37.24 1.15
C ASN A 442 -3.45 36.60 2.14
N TYR A 443 -4.68 36.32 1.72
CA TYR A 443 -5.66 35.72 2.60
C TYR A 443 -6.09 34.39 2.00
N ALA A 444 -6.08 33.35 2.82
CA ALA A 444 -6.60 32.04 2.45
C ALA A 444 -7.78 31.76 3.37
N ILE A 445 -8.98 32.03 2.89
CA ILE A 445 -10.18 31.83 3.68
C ILE A 445 -10.73 30.43 3.38
N PHE A 446 -11.10 29.71 4.41
CA PHE A 446 -11.57 28.33 4.31
C PHE A 446 -12.96 28.24 4.92
N ASP A 447 -13.97 28.05 4.09
CA ASP A 447 -15.32 27.84 4.59
C ASP A 447 -15.45 26.43 5.14
N GLU A 448 -16.25 26.30 6.19
CA GLU A 448 -16.48 25.02 6.86
C GLU A 448 -15.16 24.36 7.24
N GLY A 449 -14.44 25.02 8.15
CA GLY A 449 -13.13 24.57 8.55
C GLY A 449 -13.12 23.26 9.30
N HIS A 450 -14.29 22.76 9.71
CA HIS A 450 -14.33 21.48 10.39
C HIS A 450 -13.98 20.31 9.48
N MET A 451 -13.78 20.57 8.18
CA MET A 451 -13.23 19.54 7.31
C MET A 451 -11.74 19.34 7.55
N LEU A 452 -11.06 20.36 8.09
CA LEU A 452 -9.67 20.27 8.48
C LEU A 452 -9.50 19.75 9.91
N LYS A 453 -10.52 19.09 10.46
CA LYS A 453 -10.43 18.60 11.83
C LYS A 453 -9.33 17.56 11.98
N ASN A 454 -9.12 16.72 10.98
CA ASN A 454 -8.11 15.68 11.06
C ASN A 454 -6.75 16.29 10.70
N MET A 455 -5.76 16.07 11.56
CA MET A 455 -4.41 16.53 11.28
C MET A 455 -3.64 15.61 10.35
N GLY A 456 -4.10 14.36 10.19
CA GLY A 456 -3.44 13.41 9.33
C GLY A 456 -4.06 13.22 7.97
N SER A 457 -5.23 13.80 7.73
CA SER A 457 -5.88 13.70 6.43
C SER A 457 -5.02 14.39 5.38
N ILE A 458 -4.96 13.79 4.18
CA ILE A 458 -4.04 14.29 3.16
C ILE A 458 -4.38 15.72 2.76
N ARG A 459 -5.67 16.06 2.75
CA ARG A 459 -6.06 17.43 2.44
C ARG A 459 -5.43 18.41 3.41
N TYR A 460 -5.16 17.99 4.64
CA TYR A 460 -4.69 18.90 5.66
C TYR A 460 -3.28 19.40 5.36
N GLN A 461 -2.31 18.49 5.24
CA GLN A 461 -0.96 18.93 4.93
C GLN A 461 -0.89 19.48 3.51
N HIS A 462 -1.71 18.95 2.60
CA HIS A 462 -1.76 19.53 1.25
C HIS A 462 -2.20 20.99 1.30
N LEU A 463 -3.10 21.34 2.22
CA LEU A 463 -3.54 22.73 2.32
C LEU A 463 -2.51 23.60 3.05
N MET A 464 -1.75 23.04 3.99
CA MET A 464 -0.65 23.85 4.53
C MET A 464 0.43 24.14 3.48
N THR A 465 0.46 23.40 2.38
CA THR A 465 1.43 23.70 1.34
C THR A 465 1.11 24.98 0.59
N ILE A 466 -0.07 25.57 0.81
CA ILE A 466 -0.43 26.79 0.10
C ILE A 466 0.40 27.94 0.63
N ASN A 467 1.03 28.69 -0.28
CA ASN A 467 1.69 29.93 0.09
C ASN A 467 0.63 30.97 0.42
N ALA A 468 0.73 31.58 1.60
CA ALA A 468 -0.23 32.57 2.03
C ALA A 468 0.32 33.33 3.23
N ASN A 469 0.19 34.65 3.21
CA ASN A 469 0.61 35.45 4.35
C ASN A 469 -0.31 35.22 5.54
N ASN A 470 -1.61 35.13 5.32
CA ASN A 470 -2.58 34.94 6.38
C ASN A 470 -3.64 33.97 5.92
N ARG A 471 -4.29 33.34 6.89
CA ARG A 471 -5.42 32.48 6.59
C ARG A 471 -6.54 32.77 7.58
N LEU A 472 -7.75 32.35 7.20
CA LEU A 472 -8.92 32.57 8.03
C LEU A 472 -9.81 31.35 7.90
N LEU A 473 -10.41 30.93 9.01
CA LEU A 473 -11.25 29.76 9.04
C LEU A 473 -12.66 30.17 9.42
N LEU A 474 -13.64 29.68 8.68
CA LEU A 474 -15.04 29.92 8.98
C LEU A 474 -15.70 28.59 9.31
N THR A 475 -16.34 28.52 10.47
CA THR A 475 -16.93 27.27 10.94
C THR A 475 -18.02 27.60 11.93
N GLY A 476 -19.06 26.79 11.95
CA GLY A 476 -20.11 26.94 12.93
C GLY A 476 -19.97 26.01 14.10
N THR A 477 -19.11 24.99 13.95
CA THR A 477 -18.86 23.99 14.99
C THR A 477 -17.37 23.73 15.07
N PRO A 478 -16.64 24.57 15.83
CA PRO A 478 -15.17 24.39 15.90
C PRO A 478 -14.74 23.16 16.66
N VAL A 479 -15.45 22.79 17.73
CA VAL A 479 -15.13 21.62 18.54
C VAL A 479 -16.23 20.60 18.34
N GLN A 480 -15.89 19.44 17.78
CA GLN A 480 -16.90 18.44 17.44
C GLN A 480 -17.02 17.33 18.47
N ASN A 481 -15.94 16.60 18.72
CA ASN A 481 -16.00 15.45 19.61
C ASN A 481 -14.74 15.26 20.43
N ASN A 482 -13.78 16.19 20.37
CA ASN A 482 -12.46 15.96 20.91
C ASN A 482 -11.72 17.29 20.97
N LEU A 483 -10.85 17.42 21.98
CA LEU A 483 -10.02 18.61 22.09
C LEU A 483 -8.86 18.58 21.10
N LEU A 484 -8.37 17.39 20.75
CA LEU A 484 -7.28 17.29 19.80
C LEU A 484 -7.71 17.75 18.41
N GLU A 485 -9.00 17.64 18.10
CA GLU A 485 -9.49 18.20 16.85
C GLU A 485 -9.33 19.72 16.83
N LEU A 486 -9.77 20.39 17.90
CA LEU A 486 -9.57 21.82 18.01
C LEU A 486 -8.08 22.18 18.00
N MET A 487 -7.26 21.31 18.58
CA MET A 487 -5.81 21.54 18.56
C MET A 487 -5.27 21.47 17.14
N SER A 488 -5.77 20.54 16.34
CA SER A 488 -5.36 20.47 14.94
C SER A 488 -5.78 21.74 14.19
N LEU A 489 -7.00 22.22 14.45
CA LEU A 489 -7.41 23.49 13.85
C LEU A 489 -6.50 24.64 14.28
N LEU A 490 -6.15 24.70 15.56
CA LEU A 490 -5.29 25.77 16.05
C LEU A 490 -3.90 25.68 15.42
N ASN A 491 -3.39 24.46 15.27
CA ASN A 491 -2.13 24.26 14.58
C ASN A 491 -2.20 24.74 13.14
N PHE A 492 -3.32 24.48 12.46
CA PHE A 492 -3.47 24.95 11.09
C PHE A 492 -3.51 26.47 11.00
N VAL A 493 -4.30 27.11 11.85
CA VAL A 493 -4.48 28.55 11.75
C VAL A 493 -3.24 29.32 12.19
N MET A 494 -2.51 28.83 13.20
CA MET A 494 -1.30 29.48 13.70
C MET A 494 -0.17 28.46 13.63
N PRO A 495 0.33 28.16 12.45
CA PRO A 495 1.28 27.05 12.31
C PRO A 495 2.65 27.38 12.87
N HIS A 496 3.20 28.54 12.50
CA HIS A 496 4.60 28.84 12.80
C HIS A 496 4.88 28.79 14.30
N MET A 497 3.90 29.16 15.13
CA MET A 497 4.16 29.24 16.56
C MET A 497 3.99 27.86 17.21
N PHE A 498 3.30 26.93 16.54
CA PHE A 498 3.24 25.51 16.90
C PHE A 498 3.87 24.57 15.87
N SER A 499 4.55 25.08 14.84
CA SER A 499 4.99 24.21 13.74
C SER A 499 5.95 23.13 14.23
N SER A 500 7.01 23.53 14.94
CA SER A 500 8.00 22.57 15.40
C SER A 500 7.53 21.77 16.60
N SER A 501 6.49 22.23 17.30
CA SER A 501 6.02 21.60 18.53
C SER A 501 4.77 20.75 18.34
N THR A 502 4.47 20.35 17.10
CA THR A 502 3.26 19.57 16.85
C THR A 502 3.29 18.22 17.55
N SER A 503 4.47 17.58 17.57
CA SER A 503 4.59 16.25 18.17
C SER A 503 4.23 16.28 19.66
N GLU A 504 4.65 17.32 20.37
CA GLU A 504 4.26 17.48 21.77
C GLU A 504 2.75 17.57 21.90
N ILE A 505 2.13 18.44 21.10
CA ILE A 505 0.71 18.74 21.25
C ILE A 505 -0.13 17.50 20.99
N ARG A 506 0.13 16.80 19.88
CA ARG A 506 -0.72 15.68 19.52
C ARG A 506 -0.68 14.59 20.58
N ARG A 507 0.52 14.31 21.12
CA ARG A 507 0.64 13.25 22.13
C ARG A 507 -0.07 13.63 23.42
N MET A 508 0.14 14.84 23.93
CA MET A 508 -0.52 15.22 25.17
C MET A 508 -2.03 15.34 25.01
N PHE A 509 -2.50 15.62 23.81
CA PHE A 509 -3.94 15.65 23.55
C PHE A 509 -4.47 14.34 22.96
N SER A 510 -3.64 13.30 22.90
CA SER A 510 -4.05 11.99 22.43
C SER A 510 -4.68 11.14 23.53
N SER A 511 -5.20 11.76 24.59
CA SER A 511 -5.82 11.05 25.71
C SER A 511 -7.33 10.93 25.54
N LYS A 512 -7.81 10.74 24.31
CA LYS A 512 -9.23 10.70 23.99
C LYS A 512 -9.99 9.63 24.76
N THR A 513 -9.33 8.55 25.20
CA THR A 513 -10.01 7.45 25.85
C THR A 513 -10.46 7.78 27.26
N LYS A 514 -9.87 8.80 27.89
CA LYS A 514 -10.19 9.15 29.27
C LYS A 514 -11.59 9.74 29.37
N SER A 515 -12.21 9.55 30.52
CA SER A 515 -13.50 10.15 30.80
C SER A 515 -13.30 11.50 31.51
N ALA A 516 -14.41 12.12 31.93
CA ALA A 516 -14.34 13.45 32.52
C ALA A 516 -13.53 13.43 33.83
N ASP A 517 -13.78 12.44 34.69
CA ASP A 517 -13.03 12.34 35.93
C ASP A 517 -11.70 11.64 35.74
N GLU A 518 -11.59 10.75 34.76
CA GLU A 518 -10.31 10.10 34.46
C GLU A 518 -9.28 11.09 33.95
N GLN A 519 -9.71 12.26 33.48
CA GLN A 519 -8.77 13.32 33.13
C GLN A 519 -7.94 13.68 34.35
N SER A 520 -6.62 13.67 34.19
CA SER A 520 -5.75 14.08 35.27
C SER A 520 -5.93 15.57 35.56
N ILE A 521 -5.54 15.98 36.76
CA ILE A 521 -5.67 17.38 37.15
C ILE A 521 -4.94 18.27 36.15
N TYR A 522 -3.74 17.86 35.73
CA TYR A 522 -3.00 18.64 34.74
C TYR A 522 -3.72 18.65 33.40
N GLU A 523 -4.45 17.59 33.07
CA GLU A 523 -5.22 17.58 31.83
C GLU A 523 -6.36 18.60 31.88
N LYS A 524 -7.06 18.68 33.02
CA LYS A 524 -8.09 19.71 33.16
C LYS A 524 -7.48 21.10 33.12
N GLU A 525 -6.31 21.28 33.74
CA GLU A 525 -5.61 22.55 33.66
C GLU A 525 -5.25 22.90 32.23
N ARG A 526 -4.81 21.91 31.44
CA ARG A 526 -4.49 22.16 30.05
C ARG A 526 -5.73 22.43 29.22
N ILE A 527 -6.87 21.85 29.59
CA ILE A 527 -8.11 22.14 28.88
C ILE A 527 -8.53 23.59 29.14
N ALA A 528 -8.50 24.01 30.39
CA ALA A 528 -8.83 25.39 30.72
C ALA A 528 -7.86 26.37 30.07
N HIS A 529 -6.57 26.07 30.11
CA HIS A 529 -5.61 26.99 29.52
C HIS A 529 -5.62 26.89 28.00
N ALA A 530 -6.16 25.80 27.45
CA ALA A 530 -6.41 25.72 26.03
C ALA A 530 -7.52 26.68 25.64
N LYS A 531 -8.60 26.69 26.43
CA LYS A 531 -9.64 27.70 26.23
C LYS A 531 -9.05 29.11 26.38
N GLN A 532 -8.04 29.26 27.22
CA GLN A 532 -7.37 30.56 27.34
C GLN A 532 -6.36 30.82 26.23
N ILE A 533 -5.97 29.77 25.50
CA ILE A 533 -5.06 29.95 24.36
C ILE A 533 -5.86 30.31 23.11
N ILE A 534 -7.05 29.72 22.96
CA ILE A 534 -7.88 29.95 21.79
C ILE A 534 -8.75 31.18 21.91
N LYS A 535 -8.88 31.75 23.11
CA LYS A 535 -9.77 32.89 23.30
C LYS A 535 -9.39 34.12 22.45
N PRO A 536 -8.13 34.38 22.08
CA PRO A 536 -7.89 35.49 21.16
C PRO A 536 -8.13 35.13 19.70
N PHE A 537 -7.98 33.85 19.34
CA PHE A 537 -8.11 33.44 17.96
C PHE A 537 -9.55 33.15 17.55
N ILE A 538 -10.39 32.65 18.45
CA ILE A 538 -11.72 32.15 18.11
C ILE A 538 -12.77 33.11 18.63
N LEU A 539 -13.63 33.56 17.73
CA LEU A 539 -14.78 34.40 18.06
C LEU A 539 -16.04 33.58 17.82
N ARG A 540 -17.01 33.72 18.72
CA ARG A 540 -18.27 33.02 18.56
C ARG A 540 -19.41 33.91 19.01
N ARG A 541 -20.48 33.94 18.21
CA ARG A 541 -21.72 34.58 18.60
C ARG A 541 -22.86 33.61 18.36
N VAL A 542 -23.91 33.74 19.16
CA VAL A 542 -25.01 32.77 19.20
C VAL A 542 -26.30 33.47 18.79
N LYS A 543 -27.07 32.81 17.93
CA LYS A 543 -28.23 33.45 17.31
C LYS A 543 -29.28 33.84 18.34
N GLU A 544 -29.57 32.96 19.29
CA GLU A 544 -30.59 33.25 20.29
C GLU A 544 -30.20 34.45 21.14
N GLU A 545 -28.90 34.76 21.20
CA GLU A 545 -28.44 35.89 21.99
C GLU A 545 -28.44 37.20 21.22
N VAL A 546 -28.35 37.16 19.89
CA VAL A 546 -28.28 38.36 19.06
C VAL A 546 -29.54 38.55 18.24
N LEU A 547 -29.97 37.52 17.51
CA LEU A 547 -31.08 37.63 16.57
C LEU A 547 -32.39 37.35 17.31
N LYS A 548 -32.88 38.38 18.01
CA LYS A 548 -34.13 38.26 18.72
C LYS A 548 -35.33 38.15 17.77
N GLN A 549 -35.18 38.61 16.53
CA GLN A 549 -36.29 38.59 15.60
C GLN A 549 -36.52 37.22 14.98
N LEU A 550 -35.56 36.31 15.08
CA LEU A 550 -35.76 34.95 14.59
C LEU A 550 -36.65 34.19 15.55
N PRO A 551 -37.73 33.57 15.07
CA PRO A 551 -38.56 32.77 15.96
C PRO A 551 -37.75 31.60 16.50
N PRO A 552 -38.09 31.12 17.71
CA PRO A 552 -37.31 30.03 18.31
C PRO A 552 -37.48 28.72 17.58
N LYS A 553 -36.88 27.65 18.10
CA LYS A 553 -36.93 26.34 17.48
C LYS A 553 -37.54 25.34 18.45
N LYS A 554 -38.22 24.35 17.90
CA LYS A 554 -38.83 23.30 18.70
C LYS A 554 -38.22 21.96 18.31
N ASP A 555 -38.77 20.90 18.87
CA ASP A 555 -38.36 19.54 18.54
C ASP A 555 -39.53 18.59 18.79
N ARG A 556 -39.49 17.45 18.08
CA ARG A 556 -40.50 16.40 18.26
C ARG A 556 -39.79 15.07 17.99
N ILE A 557 -39.31 14.44 19.06
CA ILE A 557 -38.75 13.10 18.93
C ILE A 557 -39.90 12.12 18.81
N GLU A 558 -40.13 11.61 17.60
CA GLU A 558 -41.23 10.69 17.36
C GLU A 558 -40.73 9.26 17.54
N LEU A 559 -41.22 8.58 18.57
CA LEU A 559 -40.93 7.17 18.78
C LEU A 559 -41.79 6.37 17.82
N CYS A 560 -41.16 5.59 16.95
CA CYS A 560 -41.87 4.86 15.90
C CYS A 560 -41.92 3.38 16.26
N ALA A 561 -43.12 2.89 16.53
CA ALA A 561 -43.32 1.48 16.80
C ALA A 561 -43.24 0.71 15.48
N MET A 562 -42.15 -0.02 15.28
CA MET A 562 -42.00 -0.80 14.06
C MET A 562 -43.02 -1.92 14.02
N SER A 563 -43.53 -2.19 12.83
CA SER A 563 -44.64 -3.12 12.66
C SER A 563 -44.23 -4.55 13.02
N GLU A 564 -45.22 -5.45 12.98
CA GLU A 564 -45.00 -6.83 13.38
C GLU A 564 -43.92 -7.49 12.54
N LYS A 565 -44.01 -7.36 11.22
CA LYS A 565 -43.00 -7.96 10.34
C LYS A 565 -41.62 -7.38 10.61
N GLN A 566 -41.52 -6.06 10.73
CA GLN A 566 -40.22 -5.46 10.99
C GLN A 566 -39.70 -5.84 12.37
N GLU A 567 -40.61 -6.00 13.34
CA GLU A 567 -40.19 -6.41 14.68
C GLU A 567 -39.63 -7.83 14.67
N GLN A 568 -40.31 -8.75 13.97
CA GLN A 568 -39.80 -10.11 13.86
C GLN A 568 -38.45 -10.13 13.16
N LEU A 569 -38.32 -9.38 12.06
CA LEU A 569 -37.06 -9.35 11.34
C LEU A 569 -35.95 -8.78 12.21
N TYR A 570 -36.25 -7.73 12.97
CA TYR A 570 -35.25 -7.11 13.81
C TYR A 570 -34.78 -8.08 14.89
N LEU A 571 -35.71 -8.76 15.56
CA LEU A 571 -35.32 -9.68 16.61
C LEU A 571 -34.52 -10.85 16.04
N GLY A 572 -34.94 -11.38 14.89
CA GLY A 572 -34.20 -12.48 14.28
C GLY A 572 -32.78 -12.09 13.91
N LEU A 573 -32.62 -10.91 13.29
CA LEU A 573 -31.28 -10.50 12.88
C LEU A 573 -30.42 -10.18 14.09
N PHE A 574 -31.01 -9.62 15.15
CA PHE A 574 -30.28 -9.37 16.38
C PHE A 574 -29.79 -10.68 17.00
N ASN A 575 -30.65 -11.70 17.01
CA ASN A 575 -30.22 -13.00 17.52
C ASN A 575 -29.11 -13.61 16.68
N ARG A 576 -29.19 -13.45 15.35
CA ARG A 576 -28.12 -13.96 14.49
C ARG A 576 -26.80 -13.24 14.74
N LEU A 577 -26.82 -11.94 14.98
CA LEU A 577 -25.57 -11.19 15.11
C LEU A 577 -24.97 -11.21 16.51
N LYS A 578 -25.78 -11.25 17.57
CA LYS A 578 -25.21 -11.22 18.91
C LYS A 578 -24.30 -12.40 19.18
N LYS A 579 -24.50 -13.53 18.50
CA LYS A 579 -23.63 -14.69 18.67
C LYS A 579 -22.22 -14.43 18.18
N SER A 580 -22.06 -13.83 17.01
CA SER A 580 -20.74 -13.59 16.44
C SER A 580 -20.01 -12.47 17.17
N GLU A 589 -14.13 -10.10 11.08
CA GLU A 589 -15.13 -9.92 10.03
C GLU A 589 -16.47 -9.53 10.64
N MET A 590 -17.49 -9.38 9.79
CA MET A 590 -18.86 -9.13 10.23
C MET A 590 -18.96 -7.85 11.04
N CYS A 591 -18.68 -6.72 10.36
CA CYS A 591 -18.84 -5.40 10.94
C CYS A 591 -20.31 -5.07 11.09
N ASN A 592 -21.16 -6.06 10.83
CA ASN A 592 -22.60 -5.86 10.73
C ASN A 592 -23.24 -5.57 12.09
N VAL A 593 -22.43 -5.50 13.15
CA VAL A 593 -22.96 -5.39 14.52
C VAL A 593 -23.85 -4.15 14.65
N MET A 594 -23.47 -3.07 14.00
CA MET A 594 -24.16 -1.79 14.15
C MET A 594 -24.87 -1.34 12.88
N MET A 595 -24.16 -1.29 11.75
CA MET A 595 -24.73 -0.70 10.55
C MET A 595 -25.96 -1.46 10.08
N GLN A 596 -25.83 -2.78 9.90
CA GLN A 596 -26.97 -3.56 9.44
C GLN A 596 -27.95 -3.89 10.54
N LEU A 597 -27.83 -3.23 11.69
CA LEU A 597 -28.88 -3.20 12.69
C LEU A 597 -29.70 -1.93 12.56
N ARG A 598 -29.02 -0.80 12.33
CA ARG A 598 -29.73 0.43 11.97
C ARG A 598 -30.47 0.27 10.65
N LYS A 599 -30.00 -0.61 9.77
CA LYS A 599 -30.70 -0.80 8.51
C LYS A 599 -32.09 -1.40 8.72
N MET A 600 -32.21 -2.46 9.53
CA MET A 600 -33.54 -2.93 9.94
C MET A 600 -34.27 -1.91 10.81
N ALA A 601 -33.54 -1.05 11.52
CA ALA A 601 -34.21 0.04 12.20
C ALA A 601 -34.94 0.94 11.20
N ASN A 602 -34.28 1.26 10.09
CA ASN A 602 -34.88 2.17 9.10
C ASN A 602 -36.01 1.50 8.34
N HIS A 603 -35.68 0.48 7.54
CA HIS A 603 -36.65 -0.15 6.67
C HIS A 603 -36.26 -1.59 6.42
N PRO A 604 -37.20 -2.53 6.46
CA PRO A 604 -36.85 -3.94 6.21
C PRO A 604 -36.25 -4.18 4.83
N LEU A 605 -36.54 -3.32 3.85
CA LEU A 605 -36.09 -3.54 2.49
C LEU A 605 -34.63 -3.21 2.26
N LEU A 606 -33.90 -2.76 3.28
CA LEU A 606 -32.49 -2.49 3.11
C LEU A 606 -31.64 -3.75 3.07
N HIS A 607 -32.22 -4.90 3.42
CA HIS A 607 -31.64 -6.22 3.18
C HIS A 607 -32.57 -7.06 2.32
N ARG A 608 -32.21 -8.34 2.20
CA ARG A 608 -32.88 -9.27 1.31
C ARG A 608 -33.54 -10.36 2.15
N GLN A 609 -34.84 -10.25 2.34
CA GLN A 609 -35.62 -11.21 3.10
C GLN A 609 -36.80 -11.77 2.33
N TYR A 610 -37.44 -10.95 1.49
CA TYR A 610 -38.59 -11.41 0.72
C TYR A 610 -38.21 -12.08 -0.58
N TYR A 611 -36.95 -11.98 -0.99
CA TYR A 611 -36.43 -12.67 -2.18
C TYR A 611 -35.54 -13.80 -1.70
N THR A 612 -36.12 -14.98 -1.50
CA THR A 612 -35.35 -16.15 -1.14
C THR A 612 -34.50 -16.60 -2.32
N ALA A 613 -33.50 -17.44 -2.01
CA ALA A 613 -32.58 -17.91 -3.05
C ALA A 613 -33.32 -18.66 -4.16
N GLU A 614 -34.46 -19.27 -3.84
CA GLU A 614 -35.26 -19.94 -4.85
C GLU A 614 -35.71 -18.96 -5.94
N LYS A 615 -36.33 -17.85 -5.53
CA LYS A 615 -36.75 -16.84 -6.48
C LYS A 615 -35.55 -16.30 -7.26
N LEU A 616 -34.41 -16.17 -6.60
CA LEU A 616 -33.23 -15.66 -7.29
C LEU A 616 -32.76 -16.62 -8.38
N LYS A 617 -32.77 -17.93 -8.09
CA LYS A 617 -32.42 -18.91 -9.11
C LYS A 617 -33.39 -18.87 -10.28
N GLU A 618 -34.69 -18.78 -9.98
CA GLU A 618 -35.68 -18.72 -11.05
C GLU A 618 -35.47 -17.49 -11.92
N MET A 619 -35.24 -16.32 -11.30
CA MET A 619 -35.00 -15.11 -12.08
C MET A 619 -33.72 -15.21 -12.88
N SER A 620 -32.66 -15.77 -12.30
CA SER A 620 -31.39 -15.88 -13.01
C SER A 620 -31.53 -16.76 -14.24
N GLN A 621 -32.25 -17.89 -14.11
CA GLN A 621 -32.44 -18.75 -15.27
C GLN A 621 -33.39 -18.13 -16.28
N LEU A 622 -34.40 -17.38 -15.81
CA LEU A 622 -35.40 -16.82 -16.71
C LEU A 622 -34.90 -15.61 -17.48
N MET A 623 -33.95 -14.85 -16.94
CA MET A 623 -33.53 -13.63 -17.63
C MET A 623 -32.62 -13.94 -18.81
N LEU A 624 -32.33 -15.22 -19.07
CA LEU A 624 -31.65 -15.59 -20.31
C LEU A 624 -32.47 -15.21 -21.53
N LYS A 625 -33.79 -15.07 -21.37
CA LYS A 625 -34.65 -14.72 -22.49
C LYS A 625 -34.43 -13.29 -22.97
N GLU A 626 -33.70 -12.48 -22.21
CA GLU A 626 -33.47 -11.09 -22.58
C GLU A 626 -32.33 -10.97 -23.59
N PRO A 627 -32.42 -10.03 -24.53
CA PRO A 627 -31.34 -9.87 -25.52
C PRO A 627 -30.00 -9.50 -24.92
N THR A 628 -29.98 -8.61 -23.93
CA THR A 628 -28.72 -8.16 -23.36
C THR A 628 -28.03 -9.24 -22.56
N HIS A 629 -28.74 -10.28 -22.15
CA HIS A 629 -28.17 -11.35 -21.34
C HIS A 629 -28.45 -12.72 -21.95
N CYS A 630 -28.50 -12.79 -23.29
CA CYS A 630 -28.68 -14.08 -23.94
C CYS A 630 -27.44 -14.95 -23.78
N GLU A 631 -26.25 -14.35 -23.78
CA GLU A 631 -25.00 -15.07 -23.58
C GLU A 631 -24.59 -15.12 -22.12
N ALA A 632 -25.39 -14.60 -21.21
CA ALA A 632 -25.02 -14.50 -19.81
C ALA A 632 -25.01 -15.88 -19.16
N ASN A 633 -24.23 -16.00 -18.08
CA ASN A 633 -24.12 -17.24 -17.33
C ASN A 633 -25.02 -17.17 -16.12
N PRO A 634 -26.08 -17.98 -16.04
CA PRO A 634 -26.97 -17.92 -14.87
C PRO A 634 -26.27 -18.24 -13.56
N ASP A 635 -25.26 -19.12 -13.59
CA ASP A 635 -24.56 -19.47 -12.36
C ASP A 635 -23.86 -18.27 -11.74
N LEU A 636 -23.49 -17.29 -12.55
CA LEU A 636 -22.92 -16.04 -12.04
C LEU A 636 -23.96 -14.95 -11.85
N ILE A 637 -25.08 -15.00 -12.59
CA ILE A 637 -26.17 -14.07 -12.33
C ILE A 637 -26.74 -14.30 -10.94
N PHE A 638 -26.87 -15.56 -10.53
CA PHE A 638 -27.30 -15.85 -9.17
C PHE A 638 -26.29 -15.32 -8.15
N GLU A 639 -25.00 -15.46 -8.44
CA GLU A 639 -23.97 -14.91 -7.56
C GLU A 639 -24.11 -13.40 -7.43
N ASP A 640 -24.38 -12.71 -8.54
CA ASP A 640 -24.55 -11.27 -8.49
C ASP A 640 -25.81 -10.88 -7.73
N MET A 641 -26.91 -11.62 -7.93
CA MET A 641 -28.16 -11.29 -7.28
C MET A 641 -28.15 -11.62 -5.79
N GLU A 642 -27.20 -12.44 -5.33
CA GLU A 642 -27.12 -12.71 -3.90
C GLU A 642 -26.88 -11.43 -3.10
N VAL A 643 -26.00 -10.57 -3.59
CA VAL A 643 -25.52 -9.44 -2.80
C VAL A 643 -26.38 -8.20 -3.01
N MET A 644 -27.49 -8.37 -3.72
CA MET A 644 -28.39 -7.27 -4.01
C MET A 644 -29.57 -7.30 -3.04
N THR A 645 -29.98 -6.13 -2.57
CA THR A 645 -31.06 -6.03 -1.59
C THR A 645 -32.42 -6.20 -2.27
N ASP A 646 -33.45 -6.30 -1.43
CA ASP A 646 -34.80 -6.53 -1.94
C ASP A 646 -35.31 -5.36 -2.77
N PHE A 647 -35.01 -4.12 -2.35
CA PHE A 647 -35.42 -2.97 -3.15
C PHE A 647 -34.66 -2.90 -4.47
N GLU A 648 -33.37 -3.22 -4.45
CA GLU A 648 -32.61 -3.26 -5.68
C GLU A 648 -33.14 -4.34 -6.62
N LEU A 649 -33.51 -5.50 -6.06
CA LEU A 649 -34.13 -6.54 -6.87
C LEU A 649 -35.47 -6.10 -7.42
N HIS A 650 -36.24 -5.34 -6.65
CA HIS A 650 -37.51 -4.81 -7.14
C HIS A 650 -37.29 -3.85 -8.31
N VAL A 651 -36.27 -2.99 -8.20
CA VAL A 651 -35.94 -2.09 -9.30
C VAL A 651 -35.52 -2.89 -10.53
N LEU A 652 -34.73 -3.95 -10.33
CA LEU A 652 -34.34 -4.81 -11.44
C LEU A 652 -35.56 -5.44 -12.10
N CYS A 653 -36.49 -5.95 -11.29
CA CYS A 653 -37.71 -6.55 -11.82
C CYS A 653 -38.51 -5.54 -12.64
N LYS A 654 -38.65 -4.32 -12.13
CA LYS A 654 -39.32 -3.26 -12.89
C LYS A 654 -38.57 -2.93 -14.17
N GLN A 655 -37.25 -3.11 -14.19
CA GLN A 655 -36.45 -2.71 -15.34
C GLN A 655 -36.58 -3.66 -16.53
N TYR A 656 -36.62 -4.96 -16.29
CA TYR A 656 -36.62 -5.96 -17.36
C TYR A 656 -38.02 -6.55 -17.54
N ARG A 657 -38.40 -6.76 -18.80
CA ARG A 657 -39.77 -7.17 -19.11
C ARG A 657 -40.07 -8.60 -18.70
N HIS A 658 -39.14 -9.53 -18.91
CA HIS A 658 -39.42 -10.93 -18.65
C HIS A 658 -39.64 -11.23 -17.17
N ILE A 659 -39.16 -10.37 -16.28
CA ILE A 659 -39.29 -10.59 -14.85
C ILE A 659 -40.21 -9.55 -14.20
N ASN A 660 -41.12 -8.97 -14.97
CA ASN A 660 -42.09 -8.03 -14.38
C ASN A 660 -43.07 -8.72 -13.45
N ASN A 661 -43.12 -10.05 -13.46
CA ASN A 661 -44.00 -10.78 -12.56
C ASN A 661 -43.63 -10.53 -11.10
N PHE A 662 -42.34 -10.34 -10.82
CA PHE A 662 -41.81 -10.39 -9.46
C PHE A 662 -41.76 -9.02 -8.77
N GLN A 663 -42.65 -8.08 -9.10
CA GLN A 663 -42.74 -6.85 -8.31
C GLN A 663 -43.30 -7.14 -6.92
N LEU A 664 -42.82 -6.37 -5.95
CA LEU A 664 -43.40 -6.40 -4.61
C LEU A 664 -44.69 -5.59 -4.60
N ASP A 665 -45.62 -6.00 -3.76
CA ASP A 665 -46.87 -5.27 -3.62
C ASP A 665 -46.62 -3.92 -2.97
N MET A 666 -47.48 -2.95 -3.29
CA MET A 666 -47.28 -1.58 -2.82
C MET A 666 -47.36 -1.48 -1.30
N ASP A 667 -48.11 -2.39 -0.67
CA ASP A 667 -48.20 -2.39 0.78
C ASP A 667 -46.87 -2.77 1.43
N LEU A 668 -46.15 -3.72 0.84
CA LEU A 668 -44.92 -4.20 1.46
C LEU A 668 -43.85 -3.11 1.49
N ILE A 669 -43.71 -2.35 0.41
CA ILE A 669 -42.70 -1.29 0.36
C ILE A 669 -43.04 -0.12 1.26
N LEU A 670 -44.30 0.05 1.66
CA LEU A 670 -44.69 1.03 2.66
C LEU A 670 -44.94 0.43 4.03
N ASP A 671 -44.34 -0.72 4.33
CA ASP A 671 -44.49 -1.33 5.65
C ASP A 671 -43.27 -0.94 6.48
N SER A 672 -43.41 0.14 7.24
CA SER A 672 -42.36 0.61 8.14
C SER A 672 -43.01 1.53 9.17
N GLY A 673 -42.48 1.50 10.39
CA GLY A 673 -42.94 2.44 11.39
C GLY A 673 -42.61 3.87 11.02
N LYS A 674 -41.39 4.10 10.54
CA LYS A 674 -41.01 5.44 10.14
C LYS A 674 -41.85 5.94 8.98
N PHE A 675 -42.12 5.08 8.00
CA PHE A 675 -43.01 5.48 6.91
C PHE A 675 -44.43 5.74 7.41
N ARG A 676 -44.90 4.90 8.33
CA ARG A 676 -46.27 5.06 8.83
C ARG A 676 -46.43 6.40 9.54
N VAL A 677 -45.47 6.78 10.38
CA VAL A 677 -45.57 8.07 11.05
C VAL A 677 -45.32 9.22 10.06
N LEU A 678 -44.40 9.01 9.11
CA LEU A 678 -44.07 10.06 8.15
C LEU A 678 -45.25 10.42 7.27
N GLY A 679 -46.03 9.43 6.85
CA GLY A 679 -47.20 9.73 6.02
C GLY A 679 -48.18 10.65 6.73
N CYS A 680 -48.50 10.33 7.98
CA CYS A 680 -49.39 11.19 8.76
C CYS A 680 -48.79 12.58 8.96
N ILE A 681 -47.50 12.65 9.26
CA ILE A 681 -46.88 13.95 9.50
C ILE A 681 -46.91 14.81 8.24
N LEU A 682 -46.56 14.23 7.10
CA LEU A 682 -46.59 14.99 5.84
C LEU A 682 -48.00 15.41 5.46
N SER A 683 -49.00 14.54 5.68
CA SER A 683 -50.37 14.96 5.41
C SER A 683 -50.76 16.13 6.30
N GLU A 684 -50.44 16.05 7.59
CA GLU A 684 -50.75 17.13 8.52
C GLU A 684 -50.09 18.43 8.09
N LEU A 685 -48.81 18.38 7.72
CA LEU A 685 -48.08 19.59 7.35
C LEU A 685 -48.54 20.13 6.01
N LYS A 686 -48.95 19.26 5.09
CA LYS A 686 -49.51 19.75 3.83
C LYS A 686 -50.82 20.48 4.06
N GLN A 687 -51.67 19.97 4.95
CA GLN A 687 -52.89 20.70 5.29
C GLN A 687 -52.56 22.03 5.96
N LYS A 688 -51.50 22.05 6.77
CA LYS A 688 -51.07 23.28 7.43
C LYS A 688 -50.35 24.25 6.49
N GLY A 689 -50.21 23.90 5.21
CA GLY A 689 -49.50 24.75 4.27
C GLY A 689 -48.03 24.93 4.60
N ASP A 690 -47.37 23.82 4.91
CA ASP A 690 -45.95 23.82 5.26
C ASP A 690 -45.12 23.31 4.08
N ARG A 691 -43.81 23.42 4.23
CA ARG A 691 -42.85 22.87 3.29
C ARG A 691 -41.82 22.08 4.08
N VAL A 692 -41.45 20.90 3.58
CA VAL A 692 -40.69 19.93 4.35
C VAL A 692 -39.33 19.73 3.70
N VAL A 693 -38.29 19.74 4.53
CA VAL A 693 -36.94 19.35 4.13
C VAL A 693 -36.64 18.03 4.84
N LEU A 694 -36.49 16.95 4.08
CA LEU A 694 -36.42 15.61 4.66
C LEU A 694 -35.02 15.05 4.45
N PHE A 695 -34.39 14.62 5.53
CA PHE A 695 -33.01 14.14 5.52
C PHE A 695 -32.95 12.64 5.74
N SER A 696 -31.91 12.02 5.18
CA SER A 696 -31.55 10.65 5.52
C SER A 696 -30.08 10.46 5.18
N GLN A 697 -29.45 9.54 5.90
CA GLN A 697 -28.02 9.30 5.76
C GLN A 697 -27.70 8.22 4.73
N PHE A 698 -28.70 7.47 4.29
CA PHE A 698 -28.51 6.39 3.33
C PHE A 698 -29.15 6.76 1.99
N THR A 699 -28.40 6.56 0.92
CA THR A 699 -28.91 6.86 -0.41
C THR A 699 -30.08 5.94 -0.78
N MET A 700 -29.99 4.66 -0.42
CA MET A 700 -31.09 3.75 -0.70
C MET A 700 -32.35 4.14 0.06
N MET A 701 -32.19 4.69 1.27
CA MET A 701 -33.34 5.18 2.01
C MET A 701 -34.00 6.34 1.28
N LEU A 702 -33.20 7.23 0.71
CA LEU A 702 -33.76 8.32 -0.09
C LEU A 702 -34.47 7.77 -1.32
N ASP A 703 -33.91 6.73 -1.93
CA ASP A 703 -34.56 6.12 -3.09
C ASP A 703 -35.94 5.56 -2.72
N ILE A 704 -36.03 4.88 -1.58
CA ILE A 704 -37.33 4.38 -1.12
C ILE A 704 -38.27 5.53 -0.78
N LEU A 705 -37.73 6.61 -0.21
CA LEU A 705 -38.54 7.79 0.09
C LEU A 705 -39.14 8.37 -1.18
N GLU A 706 -38.38 8.35 -2.27
CA GLU A 706 -38.93 8.78 -3.56
C GLU A 706 -40.18 7.98 -3.92
N VAL A 707 -40.11 6.66 -3.77
CA VAL A 707 -41.26 5.81 -4.09
C VAL A 707 -42.44 6.14 -3.18
N LEU A 708 -42.17 6.31 -1.88
CA LEU A 708 -43.25 6.62 -0.94
C LEU A 708 -43.93 7.94 -1.29
N LEU A 709 -43.12 8.96 -1.61
CA LEU A 709 -43.69 10.26 -1.98
C LEU A 709 -44.48 10.16 -3.28
N LYS A 710 -43.99 9.36 -4.23
CA LYS A 710 -44.77 9.12 -5.45
C LYS A 710 -46.11 8.48 -5.12
N HIS A 711 -46.12 7.57 -4.15
CA HIS A 711 -47.38 6.96 -3.73
C HIS A 711 -48.33 7.98 -3.12
N HIS A 712 -47.83 8.88 -2.27
CA HIS A 712 -48.67 9.94 -1.73
C HIS A 712 -48.83 11.13 -2.66
N GLN A 713 -48.29 11.04 -3.88
CA GLN A 713 -48.34 12.10 -4.88
C GLN A 713 -48.10 13.47 -4.26
N HIS A 714 -46.92 13.61 -3.65
CA HIS A 714 -46.36 14.90 -3.30
C HIS A 714 -45.28 15.25 -4.32
N ARG A 715 -45.23 16.53 -4.70
CA ARG A 715 -44.14 16.98 -5.54
C ARG A 715 -42.90 17.22 -4.69
N TYR A 716 -41.74 16.83 -5.22
CA TYR A 716 -40.52 16.89 -4.44
C TYR A 716 -39.33 17.15 -5.35
N LEU A 717 -38.26 17.62 -4.75
CA LEU A 717 -36.94 17.66 -5.36
C LEU A 717 -36.02 16.75 -4.55
N ARG A 718 -34.83 16.47 -5.09
CA ARG A 718 -33.91 15.61 -4.39
C ARG A 718 -32.47 16.01 -4.69
N LEU A 719 -31.65 16.06 -3.66
CA LEU A 719 -30.23 16.34 -3.83
C LEU A 719 -29.42 15.38 -2.97
N ASP A 720 -28.40 14.79 -3.57
CA ASP A 720 -27.44 13.93 -2.87
C ASP A 720 -26.10 14.12 -3.58
N GLY A 721 -25.12 13.29 -3.23
CA GLY A 721 -23.80 13.43 -3.81
C GLY A 721 -23.72 13.07 -5.28
N LYS A 722 -24.71 12.36 -5.81
CA LYS A 722 -24.67 11.96 -7.21
C LYS A 722 -24.99 13.14 -8.13
N THR A 723 -25.73 14.12 -7.64
CA THR A 723 -26.11 15.26 -8.46
C THR A 723 -24.88 16.05 -8.89
N GLN A 724 -24.85 16.45 -10.16
CA GLN A 724 -23.71 17.21 -10.68
C GLN A 724 -23.62 18.57 -10.00
N ILE A 725 -22.38 19.04 -9.82
CA ILE A 725 -22.14 20.24 -9.03
C ILE A 725 -22.81 21.45 -9.67
N SER A 726 -22.92 21.46 -11.00
CA SER A 726 -23.34 22.68 -11.69
C SER A 726 -24.80 23.02 -11.43
N GLU A 727 -25.69 22.03 -11.36
CA GLU A 727 -27.10 22.33 -11.25
C GLU A 727 -27.65 22.20 -9.83
N ARG A 728 -26.79 22.03 -8.83
CA ARG A 728 -27.27 22.01 -7.46
C ARG A 728 -27.85 23.37 -7.07
N ILE A 729 -27.21 24.45 -7.50
CA ILE A 729 -27.73 25.78 -7.22
C ILE A 729 -29.05 26.02 -7.94
N HIS A 730 -29.19 25.50 -9.17
CA HIS A 730 -30.46 25.61 -9.87
C HIS A 730 -31.55 24.84 -9.15
N LEU A 731 -31.24 23.66 -8.62
CA LEU A 731 -32.21 22.94 -7.80
C LEU A 731 -32.60 23.73 -6.56
N ILE A 732 -31.61 24.31 -5.87
CA ILE A 732 -31.89 25.06 -4.67
C ILE A 732 -32.80 26.25 -4.97
N ASP A 733 -32.48 26.99 -6.03
CA ASP A 733 -33.33 28.11 -6.42
C ASP A 733 -34.72 27.65 -6.84
N GLU A 734 -34.79 26.51 -7.53
CA GLU A 734 -36.09 25.97 -7.92
C GLU A 734 -36.95 25.67 -6.71
N PHE A 735 -36.33 25.19 -5.62
CA PHE A 735 -37.11 24.97 -4.41
C PHE A 735 -37.46 26.29 -3.73
N ASN A 736 -36.55 27.27 -3.77
CA ASN A 736 -36.77 28.52 -3.06
C ASN A 736 -37.77 29.42 -3.75
N THR A 737 -38.02 29.23 -5.04
CA THR A 737 -38.93 30.08 -5.79
C THR A 737 -40.27 29.41 -6.04
N ASP A 738 -40.28 28.23 -6.63
CA ASP A 738 -41.53 27.51 -6.88
C ASP A 738 -42.11 27.03 -5.56
N MET A 739 -43.29 27.52 -5.21
CA MET A 739 -43.95 27.18 -3.96
C MET A 739 -44.86 25.97 -4.09
N ASP A 740 -44.87 25.30 -5.23
CA ASP A 740 -45.64 24.08 -5.39
C ASP A 740 -44.84 22.84 -5.07
N ILE A 741 -43.51 22.96 -4.95
CA ILE A 741 -42.69 21.83 -4.53
C ILE A 741 -42.81 21.68 -3.01
N PHE A 742 -43.23 20.51 -2.56
CA PHE A 742 -43.56 20.29 -1.17
C PHE A 742 -42.39 19.72 -0.36
N VAL A 743 -41.78 18.64 -0.85
CA VAL A 743 -40.72 17.96 -0.12
C VAL A 743 -39.39 18.18 -0.84
N PHE A 744 -38.34 18.34 -0.04
CA PHE A 744 -36.99 18.46 -0.56
C PHE A 744 -36.17 17.36 0.11
N LEU A 745 -35.93 16.27 -0.62
CA LEU A 745 -35.07 15.21 -0.11
C LEU A 745 -33.63 15.67 -0.16
N LEU A 746 -32.92 15.53 0.95
CA LEU A 746 -31.54 15.98 1.04
C LEU A 746 -30.70 14.95 1.77
N SER A 747 -29.65 14.48 1.11
CA SER A 747 -28.69 13.63 1.79
C SER A 747 -27.87 14.48 2.75
N THR A 748 -27.54 13.91 3.90
CA THR A 748 -27.00 14.71 5.00
C THR A 748 -25.62 15.26 4.68
N LYS A 749 -24.77 14.46 4.03
CA LYS A 749 -23.41 14.93 3.76
C LYS A 749 -23.38 16.08 2.76
N ALA A 750 -24.10 15.94 1.64
CA ALA A 750 -24.09 16.98 0.63
C ALA A 750 -25.09 18.08 0.96
N GLY A 751 -26.37 17.72 1.06
CA GLY A 751 -27.43 18.69 1.28
C GLY A 751 -27.46 19.31 2.66
N GLY A 752 -26.38 19.16 3.44
CA GLY A 752 -26.40 19.67 4.80
C GLY A 752 -25.38 20.74 5.12
N LEU A 753 -24.45 21.02 4.20
CA LEU A 753 -23.24 21.75 4.59
C LEU A 753 -23.47 23.26 4.66
N GLY A 754 -23.75 23.91 3.53
CA GLY A 754 -23.72 25.36 3.50
C GLY A 754 -24.75 26.05 2.63
N ILE A 755 -25.90 25.44 2.43
CA ILE A 755 -26.91 25.98 1.51
C ILE A 755 -27.98 26.71 2.32
N ASN A 756 -28.74 27.56 1.63
CA ASN A 756 -29.76 28.40 2.25
C ASN A 756 -31.13 27.84 1.90
N LEU A 757 -31.92 27.52 2.92
CA LEU A 757 -33.25 26.94 2.79
C LEU A 757 -34.26 27.73 3.59
N THR A 758 -34.23 29.06 3.43
CA THR A 758 -35.16 29.91 4.16
C THR A 758 -36.61 29.68 3.77
N SER A 759 -36.87 28.98 2.66
CA SER A 759 -38.24 28.80 2.19
C SER A 759 -39.05 27.89 3.10
N ALA A 760 -38.48 26.79 3.56
CA ALA A 760 -39.22 25.77 4.30
C ALA A 760 -39.23 26.09 5.80
N ASN A 761 -40.12 25.41 6.51
CA ASN A 761 -40.20 25.61 7.95
C ASN A 761 -40.41 24.33 8.75
N VAL A 762 -40.26 23.15 8.15
CA VAL A 762 -40.26 21.89 8.88
C VAL A 762 -39.14 21.01 8.37
N VAL A 763 -38.17 20.72 9.24
CA VAL A 763 -37.03 19.89 8.91
C VAL A 763 -37.23 18.55 9.59
N ILE A 764 -37.37 17.49 8.80
CA ILE A 764 -37.52 16.14 9.31
C ILE A 764 -36.20 15.41 9.14
N LEU A 765 -35.76 14.75 10.21
CA LEU A 765 -34.64 13.82 10.17
C LEU A 765 -35.20 12.41 10.25
N HIS A 766 -35.32 11.76 9.09
CA HIS A 766 -35.74 10.37 9.04
C HIS A 766 -34.75 9.45 9.73
N ASP A 767 -33.51 9.90 9.90
CA ASP A 767 -32.51 9.14 10.64
C ASP A 767 -31.48 10.12 11.16
N ILE A 768 -31.09 9.96 12.42
CA ILE A 768 -30.15 10.86 13.05
C ILE A 768 -28.77 10.24 13.01
N ASP A 769 -27.76 11.07 13.24
CA ASP A 769 -26.37 10.67 13.11
C ASP A 769 -25.75 10.33 14.45
N CYS A 770 -24.71 9.50 14.40
CA CYS A 770 -23.90 9.25 15.60
C CYS A 770 -23.20 10.52 16.04
N ASN A 771 -22.73 11.33 15.09
CA ASN A 771 -22.18 12.64 15.39
C ASN A 771 -23.29 13.67 15.30
N PRO A 772 -23.67 14.32 16.40
CA PRO A 772 -24.85 15.19 16.37
C PRO A 772 -24.67 16.45 15.55
N TYR A 773 -23.43 16.80 15.19
CA TYR A 773 -23.21 18.08 14.51
C TYR A 773 -23.61 18.05 13.05
N ASN A 774 -23.53 16.90 12.40
CA ASN A 774 -24.19 16.76 11.10
C ASN A 774 -25.66 17.14 11.21
N ASP A 775 -26.32 16.62 12.24
CA ASP A 775 -27.72 16.97 12.49
C ASP A 775 -27.89 18.45 12.77
N LYS A 776 -26.98 19.05 13.54
CA LYS A 776 -27.12 20.46 13.88
C LYS A 776 -26.99 21.34 12.63
N GLN A 777 -26.02 21.02 11.77
CA GLN A 777 -25.90 21.72 10.49
C GLN A 777 -27.17 21.56 9.66
N ALA A 778 -27.69 20.32 9.59
CA ALA A 778 -28.89 20.08 8.79
C ALA A 778 -30.09 20.85 9.33
N GLU A 779 -30.26 20.87 10.65
CA GLU A 779 -31.37 21.60 11.24
C GLU A 779 -31.24 23.11 11.04
N ASP A 780 -30.03 23.65 11.11
CA ASP A 780 -29.82 25.08 10.93
C ASP A 780 -29.63 25.47 9.48
N ARG A 781 -29.80 24.53 8.54
CA ARG A 781 -29.96 24.92 7.14
C ARG A 781 -31.14 25.86 6.96
N CYS A 782 -32.28 25.54 7.59
CA CYS A 782 -33.47 26.36 7.44
C CYS A 782 -33.54 27.48 8.47
N HIS A 783 -32.96 27.29 9.64
CA HIS A 783 -33.08 28.23 10.75
C HIS A 783 -31.90 29.20 10.68
N ARG A 784 -32.07 30.28 9.91
CA ARG A 784 -30.98 31.22 9.65
C ARG A 784 -31.60 32.59 9.39
N VAL A 785 -30.75 33.55 8.99
CA VAL A 785 -31.19 34.93 8.80
C VAL A 785 -32.16 35.01 7.63
N GLY A 786 -33.30 35.66 7.87
CA GLY A 786 -34.33 35.79 6.86
C GLY A 786 -35.53 34.87 7.04
N GLN A 787 -35.42 33.87 7.90
CA GLN A 787 -36.54 32.95 8.10
C GLN A 787 -37.68 33.67 8.82
N THR A 788 -38.91 33.34 8.43
CA THR A 788 -40.10 34.03 8.93
C THR A 788 -41.08 33.12 9.66
N LYS A 789 -40.85 31.82 9.73
CA LYS A 789 -41.70 30.92 10.48
C LYS A 789 -40.89 30.22 11.56
N GLU A 790 -41.59 29.82 12.63
CA GLU A 790 -40.95 29.08 13.70
C GLU A 790 -40.54 27.69 13.20
N VAL A 791 -39.25 27.52 12.96
CA VAL A 791 -38.76 26.31 12.31
C VAL A 791 -38.90 25.13 13.25
N LEU A 792 -39.70 24.15 12.87
CA LEU A 792 -39.84 22.93 13.63
C LEU A 792 -38.86 21.88 13.12
N VAL A 793 -38.33 21.09 14.05
CA VAL A 793 -37.44 19.99 13.73
C VAL A 793 -38.05 18.72 14.31
N ILE A 794 -38.23 17.71 13.48
CA ILE A 794 -38.84 16.46 13.89
C ILE A 794 -37.88 15.32 13.61
N LYS A 795 -37.51 14.58 14.66
CA LYS A 795 -36.63 13.43 14.52
C LYS A 795 -37.46 12.17 14.59
N LEU A 796 -37.23 11.24 13.67
CA LEU A 796 -37.91 9.95 13.72
C LEU A 796 -37.03 8.93 14.41
N ILE A 797 -37.60 8.24 15.41
CA ILE A 797 -36.86 7.28 16.24
C ILE A 797 -37.63 5.98 16.29
N SER A 798 -36.92 4.86 16.10
CA SER A 798 -37.51 3.54 16.16
C SER A 798 -37.57 3.07 17.62
N GLN A 799 -38.69 2.48 18.01
CA GLN A 799 -38.88 2.05 19.39
C GLN A 799 -38.08 0.77 19.67
N GLY A 800 -37.34 0.78 20.78
CA GLY A 800 -36.68 -0.43 21.24
C GLY A 800 -35.55 -0.94 20.38
N THR A 801 -34.78 -0.05 19.75
CA THR A 801 -33.70 -0.45 18.86
C THR A 801 -32.40 0.25 19.27
N ILE A 802 -31.36 0.06 18.46
CA ILE A 802 -30.10 0.77 18.63
C ILE A 802 -30.28 2.26 18.46
N GLU A 803 -31.39 2.67 17.82
CA GLU A 803 -31.64 4.08 17.56
C GLU A 803 -31.76 4.86 18.87
N GLU A 804 -32.39 4.26 19.88
CA GLU A 804 -32.51 4.91 21.18
C GLU A 804 -31.14 5.09 21.84
N SER A 805 -30.27 4.08 21.74
CA SER A 805 -28.93 4.20 22.29
C SER A 805 -28.14 5.31 21.59
N MET A 806 -28.24 5.38 20.26
CA MET A 806 -27.56 6.46 19.55
C MET A 806 -28.12 7.81 19.96
N LEU A 807 -29.44 7.90 20.17
CA LEU A 807 -30.03 9.14 20.65
C LEU A 807 -29.48 9.54 22.02
N LYS A 808 -29.35 8.57 22.92
CA LYS A 808 -28.80 8.87 24.25
C LYS A 808 -27.37 9.36 24.15
N ILE A 809 -26.54 8.69 23.34
CA ILE A 809 -25.15 9.12 23.18
C ILE A 809 -25.09 10.51 22.55
N ASN A 810 -25.98 10.79 21.60
CA ASN A 810 -26.05 12.11 20.99
C ASN A 810 -26.37 13.17 22.03
N GLN A 811 -27.36 12.89 22.89
CA GLN A 811 -27.70 13.84 23.94
C GLN A 811 -26.53 14.07 24.89
N GLN A 812 -25.81 13.01 25.23
CA GLN A 812 -24.66 13.15 26.12
C GLN A 812 -23.58 14.04 25.48
N LYS A 813 -23.29 13.82 24.19
CA LYS A 813 -22.30 14.66 23.53
C LYS A 813 -22.77 16.11 23.44
N LEU A 814 -24.05 16.33 23.16
CA LEU A 814 -24.59 17.67 23.11
C LEU A 814 -24.45 18.37 24.46
N LYS A 815 -24.73 17.66 25.55
CA LYS A 815 -24.59 18.26 26.87
C LYS A 815 -23.13 18.52 27.21
N LEU A 816 -22.23 17.65 26.75
CA LEU A 816 -20.80 17.91 26.93
C LEU A 816 -20.40 19.22 26.27
N GLU A 817 -20.86 19.43 25.03
CA GLU A 817 -20.58 20.71 24.37
C GLU A 817 -21.21 21.87 25.13
N GLN A 818 -22.46 21.71 25.57
CA GLN A 818 -23.13 22.79 26.29
C GLN A 818 -22.37 23.17 27.54
N ASP A 819 -21.75 22.19 28.21
CA ASP A 819 -20.95 22.48 29.39
C ASP A 819 -19.63 23.15 29.01
N MET A 820 -18.95 22.64 27.99
CA MET A 820 -17.61 23.15 27.68
C MET A 820 -17.67 24.56 27.09
N THR A 821 -18.76 24.91 26.42
CA THR A 821 -18.85 26.23 25.80
C THR A 821 -19.15 27.33 26.81
N THR A 822 -19.57 26.98 28.02
CA THR A 822 -19.87 27.99 29.03
C THR A 822 -18.96 27.81 30.24
N LYS B 38 31.36 -38.45 -61.09
CA LYS B 38 30.94 -37.34 -60.26
C LYS B 38 31.21 -37.61 -58.78
N PRO B 39 32.14 -36.86 -58.19
CA PRO B 39 32.42 -37.04 -56.76
C PRO B 39 31.19 -36.73 -55.92
N HIS B 40 31.02 -37.50 -54.85
CA HIS B 40 29.86 -37.38 -53.98
C HIS B 40 30.12 -36.28 -52.95
N ARG B 41 29.51 -35.12 -53.15
CA ARG B 41 29.50 -34.06 -52.16
C ARG B 41 28.18 -34.05 -51.42
N TYR B 42 28.24 -33.69 -50.15
CA TYR B 42 27.04 -33.54 -49.34
C TYR B 42 26.49 -32.13 -49.48
N ARG B 43 25.17 -32.02 -49.43
CA ARG B 43 24.52 -30.72 -49.48
C ARG B 43 25.00 -29.86 -48.31
N PRO B 44 25.22 -28.57 -48.52
CA PRO B 44 25.70 -27.73 -47.42
C PRO B 44 24.72 -27.72 -46.26
N GLY B 45 25.21 -28.09 -45.08
CA GLY B 45 24.37 -28.13 -43.90
C GLY B 45 24.28 -29.50 -43.26
N THR B 46 24.27 -30.56 -44.07
CA THR B 46 24.07 -31.90 -43.53
C THR B 46 25.21 -32.31 -42.61
N VAL B 47 26.45 -32.03 -43.02
CA VAL B 47 27.59 -32.33 -42.15
C VAL B 47 27.53 -31.50 -40.88
N ALA B 48 26.97 -30.29 -40.96
CA ALA B 48 26.82 -29.46 -39.76
C ALA B 48 25.85 -30.10 -38.77
N LEU B 49 24.75 -30.66 -39.27
CA LEU B 49 23.83 -31.38 -38.38
C LEU B 49 24.47 -32.64 -37.82
N ARG B 50 25.25 -33.34 -38.62
CA ARG B 50 25.95 -34.53 -38.11
C ARG B 50 26.90 -34.15 -36.99
N GLU B 51 27.63 -33.04 -37.15
CA GLU B 51 28.51 -32.55 -36.10
C GLU B 51 27.72 -32.14 -34.87
N ILE B 52 26.56 -31.50 -35.08
CA ILE B 52 25.72 -31.13 -33.94
C ILE B 52 25.38 -32.37 -33.13
N ARG B 53 24.94 -33.42 -33.80
CA ARG B 53 24.55 -34.64 -33.10
C ARG B 53 25.75 -35.27 -32.41
N ARG B 54 26.89 -35.37 -33.10
CA ARG B 54 28.07 -36.02 -32.53
C ARG B 54 28.57 -35.27 -31.30
N TYR B 55 28.63 -33.94 -31.37
CA TYR B 55 29.17 -33.16 -30.28
C TYR B 55 28.17 -32.92 -29.17
N GLN B 56 26.88 -33.15 -29.41
CA GLN B 56 25.92 -33.15 -28.30
C GLN B 56 25.81 -34.52 -27.65
N LYS B 57 26.28 -35.58 -28.32
CA LYS B 57 26.30 -36.91 -27.72
C LYS B 57 27.54 -37.18 -26.89
N SER B 58 28.66 -36.55 -27.21
CA SER B 58 29.92 -36.79 -26.51
C SER B 58 30.08 -35.84 -25.32
N THR B 59 31.05 -36.16 -24.46
CA THR B 59 31.26 -35.38 -23.25
C THR B 59 32.72 -34.98 -23.01
N GLU B 60 33.61 -35.14 -23.99
CA GLU B 60 35.00 -34.79 -23.77
C GLU B 60 35.20 -33.28 -23.90
N LEU B 61 36.43 -32.84 -23.70
CA LEU B 61 36.76 -31.43 -23.81
C LEU B 61 36.94 -31.05 -25.29
N LEU B 62 36.48 -29.86 -25.63
CA LEU B 62 36.48 -29.38 -27.01
C LEU B 62 37.59 -28.38 -27.30
N ILE B 63 38.49 -28.14 -26.33
CA ILE B 63 39.62 -27.24 -26.52
C ILE B 63 40.88 -27.98 -26.06
N ARG B 64 41.98 -27.77 -26.80
CA ARG B 64 43.22 -28.46 -26.50
C ARG B 64 43.76 -27.99 -25.14
N LYS B 65 44.57 -28.85 -24.51
CA LYS B 65 45.03 -28.58 -23.16
C LYS B 65 46.14 -27.53 -23.14
N LEU B 66 47.17 -27.71 -23.97
CA LEU B 66 48.30 -26.79 -23.96
C LEU B 66 47.92 -25.35 -24.29
N PRO B 67 47.17 -25.06 -25.36
CA PRO B 67 46.80 -23.66 -25.61
C PRO B 67 46.01 -23.04 -24.46
N PHE B 68 45.09 -23.79 -23.86
CA PHE B 68 44.33 -23.23 -22.75
C PHE B 68 45.21 -22.97 -21.54
N GLN B 69 46.16 -23.87 -21.27
CA GLN B 69 47.09 -23.66 -20.16
C GLN B 69 47.95 -22.42 -20.39
N ARG B 70 48.43 -22.25 -21.63
CA ARG B 70 49.18 -21.04 -21.94
C ARG B 70 48.33 -19.79 -21.76
N LEU B 71 47.05 -19.86 -22.18
CA LEU B 71 46.16 -18.72 -22.01
C LEU B 71 45.96 -18.37 -20.54
N VAL B 72 45.68 -19.37 -19.70
CA VAL B 72 45.46 -19.09 -18.28
C VAL B 72 46.73 -18.54 -17.65
N ARG B 73 47.89 -19.06 -18.07
CA ARG B 73 49.15 -18.52 -17.56
C ARG B 73 49.35 -17.07 -17.97
N GLU B 74 49.02 -16.72 -19.22
CA GLU B 74 49.11 -15.32 -19.61
C GLU B 74 48.21 -14.44 -18.77
N ILE B 75 46.96 -14.86 -18.57
CA ILE B 75 46.04 -14.02 -17.83
C ILE B 75 46.48 -13.89 -16.38
N ALA B 76 47.09 -14.94 -15.83
CA ALA B 76 47.57 -14.87 -14.45
C ALA B 76 48.85 -14.05 -14.32
N GLN B 77 49.65 -13.92 -15.37
CA GLN B 77 50.87 -13.12 -15.28
C GLN B 77 50.55 -11.65 -14.98
N ASP B 78 49.41 -11.16 -15.47
CA ASP B 78 49.11 -9.74 -15.30
C ASP B 78 48.77 -9.40 -13.86
N PHE B 79 48.04 -10.28 -13.17
CA PHE B 79 47.61 -9.97 -11.80
C PHE B 79 48.76 -10.05 -10.81
N LYS B 80 49.62 -11.06 -10.93
CA LYS B 80 50.79 -11.17 -10.08
C LYS B 80 51.78 -12.10 -10.76
N THR B 81 53.06 -11.86 -10.51
CA THR B 81 54.11 -12.62 -11.19
C THR B 81 54.42 -13.93 -10.48
N ASP B 82 54.93 -14.88 -11.27
CA ASP B 82 55.47 -16.15 -10.78
C ASP B 82 54.45 -16.90 -9.90
N LEU B 83 53.25 -17.06 -10.44
CA LEU B 83 52.26 -17.91 -9.80
C LEU B 83 52.47 -19.37 -10.20
N ARG B 84 51.81 -20.26 -9.48
CA ARG B 84 51.92 -21.68 -9.74
C ARG B 84 50.51 -22.27 -9.75
N PHE B 85 50.24 -23.11 -10.75
CA PHE B 85 48.93 -23.72 -10.94
C PHE B 85 49.06 -25.22 -10.81
N GLN B 86 48.21 -25.81 -9.97
CA GLN B 86 48.09 -27.26 -10.01
C GLN B 86 47.18 -27.65 -11.17
N SER B 87 47.36 -28.88 -11.66
CA SER B 87 46.71 -29.29 -12.90
C SER B 87 45.19 -29.21 -12.80
N SER B 88 44.63 -29.60 -11.64
CA SER B 88 43.19 -29.59 -11.51
C SER B 88 42.62 -28.18 -11.53
N ALA B 89 43.43 -27.17 -11.17
CA ALA B 89 42.96 -25.80 -11.31
C ALA B 89 42.72 -25.44 -12.77
N VAL B 90 43.65 -25.80 -13.65
CA VAL B 90 43.48 -25.53 -15.07
C VAL B 90 42.34 -26.36 -15.63
N MET B 91 42.20 -27.61 -15.17
CA MET B 91 41.10 -28.44 -15.65
C MET B 91 39.75 -27.88 -15.24
N ALA B 92 39.64 -27.37 -14.01
CA ALA B 92 38.39 -26.77 -13.55
C ALA B 92 38.08 -25.50 -14.32
N LEU B 93 39.11 -24.68 -14.59
CA LEU B 93 38.89 -23.50 -15.39
C LEU B 93 38.42 -23.86 -16.79
N GLN B 94 38.97 -24.92 -17.37
CA GLN B 94 38.55 -25.35 -18.70
C GLN B 94 37.10 -25.84 -18.69
N GLU B 95 36.73 -26.62 -17.68
CA GLU B 95 35.34 -27.07 -17.56
C GLU B 95 34.39 -25.89 -17.47
N ALA B 96 34.72 -24.91 -16.61
CA ALA B 96 33.86 -23.75 -16.43
C ALA B 96 33.75 -22.95 -17.72
N SER B 97 34.88 -22.74 -18.41
CA SER B 97 34.86 -21.97 -19.64
C SER B 97 34.03 -22.66 -20.72
N GLU B 98 34.17 -23.99 -20.84
CA GLU B 98 33.40 -24.70 -21.86
C GLU B 98 31.91 -24.65 -21.56
N ALA B 99 31.52 -24.83 -20.29
CA ALA B 99 30.11 -24.72 -19.95
C ALA B 99 29.58 -23.33 -20.25
N TYR B 100 30.35 -22.30 -19.89
CA TYR B 100 29.95 -20.92 -20.15
C TYR B 100 29.74 -20.67 -21.63
N LEU B 101 30.70 -21.10 -22.46
CA LEU B 101 30.60 -20.82 -23.89
C LEU B 101 29.48 -21.61 -24.53
N VAL B 102 29.24 -22.85 -24.09
CA VAL B 102 28.13 -23.63 -24.67
C VAL B 102 26.79 -22.99 -24.32
N ALA B 103 26.62 -22.54 -23.08
CA ALA B 103 25.38 -21.86 -22.72
C ALA B 103 25.22 -20.56 -23.50
N LEU B 104 26.31 -19.80 -23.66
CA LEU B 104 26.24 -18.56 -24.42
C LEU B 104 25.87 -18.82 -25.88
N PHE B 105 26.40 -19.90 -26.46
CA PHE B 105 26.08 -20.20 -27.85
C PHE B 105 24.66 -20.70 -28.00
N GLU B 106 24.10 -21.37 -26.99
CA GLU B 106 22.69 -21.71 -27.03
C GLU B 106 21.82 -20.46 -27.01
N ASP B 107 22.16 -19.50 -26.14
CA ASP B 107 21.39 -18.25 -26.10
C ASP B 107 21.53 -17.48 -27.41
N THR B 108 22.75 -17.46 -27.98
CA THR B 108 22.97 -16.82 -29.27
C THR B 108 22.14 -17.47 -30.36
N ASN B 109 22.06 -18.80 -30.36
CA ASN B 109 21.24 -19.49 -31.35
C ASN B 109 19.78 -19.08 -31.20
N LEU B 110 19.31 -18.98 -29.95
CA LEU B 110 17.92 -18.53 -29.74
C LEU B 110 17.70 -17.13 -30.28
N CYS B 111 18.63 -16.22 -30.01
CA CYS B 111 18.50 -14.85 -30.49
C CYS B 111 18.54 -14.79 -32.01
N ALA B 112 19.28 -15.72 -32.63
CA ALA B 112 19.35 -15.74 -34.09
C ALA B 112 18.07 -16.28 -34.70
N ILE B 113 17.51 -17.34 -34.09
CA ILE B 113 16.24 -17.87 -34.58
C ILE B 113 15.14 -16.84 -34.40
N HIS B 114 15.24 -15.99 -33.39
CA HIS B 114 14.22 -14.96 -33.20
C HIS B 114 14.15 -14.01 -34.38
N ALA B 115 15.30 -13.62 -34.93
CA ALA B 115 15.35 -12.72 -36.07
C ALA B 115 15.15 -13.44 -37.41
N LYS B 116 14.57 -14.64 -37.38
CA LYS B 116 14.27 -15.40 -38.59
C LYS B 116 15.52 -15.67 -39.43
N ARG B 117 16.59 -16.07 -38.75
CA ARG B 117 17.85 -16.45 -39.37
C ARG B 117 18.29 -17.80 -38.84
N VAL B 118 19.22 -18.43 -39.56
CA VAL B 118 19.90 -19.61 -39.04
C VAL B 118 21.37 -19.36 -38.75
N THR B 119 21.93 -18.24 -39.22
CA THR B 119 23.31 -17.89 -38.98
C THR B 119 23.40 -17.06 -37.70
N ILE B 120 24.39 -17.36 -36.86
CA ILE B 120 24.63 -16.53 -35.69
C ILE B 120 25.64 -15.45 -36.04
N MET B 121 25.34 -14.23 -35.62
CA MET B 121 26.14 -13.05 -35.91
C MET B 121 26.59 -12.42 -34.61
N PRO B 122 27.61 -11.55 -34.64
CA PRO B 122 28.05 -10.91 -33.39
C PRO B 122 26.94 -10.19 -32.65
N LYS B 123 26.05 -9.52 -33.39
CA LYS B 123 24.92 -8.85 -32.76
C LYS B 123 24.06 -9.80 -31.94
N ASP B 124 23.96 -11.07 -32.35
CA ASP B 124 23.22 -12.04 -31.55
C ASP B 124 23.89 -12.27 -30.20
N ILE B 125 25.22 -12.42 -30.20
CA ILE B 125 25.95 -12.63 -28.95
C ILE B 125 25.81 -11.41 -28.06
N GLN B 126 25.93 -10.21 -28.62
CA GLN B 126 25.78 -9.00 -27.82
C GLN B 126 24.38 -8.88 -27.25
N LEU B 127 23.36 -9.23 -28.02
CA LEU B 127 22.00 -9.21 -27.50
C LEU B 127 21.84 -10.19 -26.34
N ALA B 128 22.40 -11.40 -26.48
CA ALA B 128 22.29 -12.39 -25.41
C ALA B 128 22.98 -11.89 -24.15
N ARG B 129 24.19 -11.34 -24.29
CA ARG B 129 24.93 -10.88 -23.13
C ARG B 129 24.28 -9.66 -22.50
N ARG B 130 23.56 -8.85 -23.29
CA ARG B 130 22.83 -7.74 -22.70
C ARG B 130 21.60 -8.21 -21.94
N ILE B 131 20.84 -9.16 -22.52
CA ILE B 131 19.65 -9.64 -21.84
C ILE B 131 20.01 -10.34 -20.55
N ARG B 132 21.03 -11.21 -20.57
CA ARG B 132 21.45 -11.87 -19.34
C ARG B 132 21.98 -10.90 -18.30
N GLY B 133 22.43 -9.73 -18.71
CA GLY B 133 23.00 -8.76 -17.80
C GLY B 133 24.51 -8.80 -17.70
N GLU B 134 25.17 -9.68 -18.45
CA GLU B 134 26.61 -9.82 -18.36
C GLU B 134 27.36 -8.62 -18.92
N ARG B 135 26.68 -7.72 -19.62
CA ARG B 135 27.32 -6.55 -20.19
C ARG B 135 26.32 -5.42 -20.42
N LYS C 21 59.72 -16.19 -18.55
CA LYS C 21 60.06 -15.53 -19.79
C LYS C 21 58.95 -14.56 -20.21
N VAL C 22 58.50 -14.69 -21.45
CA VAL C 22 57.43 -13.86 -22.00
C VAL C 22 56.39 -14.78 -22.62
N LEU C 23 55.13 -14.59 -22.23
CA LEU C 23 54.00 -15.30 -22.82
C LEU C 23 53.12 -14.32 -23.57
N ARG C 24 52.75 -14.67 -24.80
CA ARG C 24 52.05 -13.73 -25.67
C ARG C 24 51.28 -14.49 -26.74
N ASP C 25 50.15 -13.90 -27.16
CA ASP C 25 49.38 -14.28 -28.34
C ASP C 25 48.77 -15.68 -28.18
N ASN C 26 48.59 -16.17 -26.95
CA ASN C 26 47.92 -17.45 -26.80
C ASN C 26 46.40 -17.31 -26.74
N ILE C 27 45.86 -16.09 -26.85
CA ILE C 27 44.43 -15.98 -27.03
C ILE C 27 44.02 -16.55 -28.38
N GLN C 28 44.95 -16.60 -29.34
CA GLN C 28 44.72 -17.29 -30.59
C GLN C 28 44.84 -18.80 -30.44
N GLY C 29 45.30 -19.29 -29.28
CA GLY C 29 45.31 -20.73 -29.04
C GLY C 29 43.94 -21.34 -28.95
N ILE C 30 42.91 -20.52 -28.71
CA ILE C 30 41.52 -20.95 -28.79
C ILE C 30 41.14 -20.89 -30.27
N THR C 31 41.37 -21.97 -30.99
CA THR C 31 41.37 -21.91 -32.44
C THR C 31 39.94 -21.78 -32.99
N LYS C 32 39.87 -21.51 -34.28
CA LYS C 32 38.59 -21.45 -34.99
C LYS C 32 37.84 -22.78 -35.00
N PRO C 33 38.46 -23.93 -35.32
CA PRO C 33 37.71 -25.19 -35.25
C PRO C 33 37.25 -25.55 -33.84
N ALA C 34 37.98 -25.14 -32.80
CA ALA C 34 37.51 -25.39 -31.44
C ALA C 34 36.28 -24.56 -31.13
N ILE C 35 36.25 -23.32 -31.61
CA ILE C 35 35.05 -22.49 -31.45
C ILE C 35 33.89 -23.09 -32.21
N ARG C 36 34.13 -23.61 -33.42
CA ARG C 36 33.07 -24.27 -34.17
C ARG C 36 32.56 -25.51 -33.45
N ARG C 37 33.45 -26.28 -32.83
CA ARG C 37 33.01 -27.43 -32.04
C ARG C 37 32.14 -27.00 -30.87
N LEU C 38 32.59 -25.99 -30.11
CA LEU C 38 31.80 -25.48 -28.99
C LEU C 38 30.44 -24.99 -29.47
N ALA C 39 30.40 -24.40 -30.67
CA ALA C 39 29.13 -23.92 -31.22
C ALA C 39 28.23 -25.07 -31.62
N ARG C 40 28.79 -26.12 -32.21
CA ARG C 40 28.00 -27.29 -32.58
C ARG C 40 27.40 -27.95 -31.35
N ARG C 41 28.18 -28.10 -30.29
CA ARG C 41 27.63 -28.67 -29.06
C ARG C 41 26.51 -27.81 -28.49
N GLY C 42 26.54 -26.51 -28.76
CA GLY C 42 25.48 -25.61 -28.37
C GLY C 42 24.28 -25.58 -29.29
N GLY C 43 24.34 -26.31 -30.41
CA GLY C 43 23.20 -26.40 -31.30
C GLY C 43 23.26 -25.51 -32.52
N VAL C 44 24.35 -24.78 -32.72
CA VAL C 44 24.43 -23.82 -33.81
C VAL C 44 24.71 -24.55 -35.12
N LYS C 45 23.98 -24.19 -36.17
CA LYS C 45 24.09 -24.85 -37.46
C LYS C 45 24.93 -24.07 -38.46
N ARG C 46 24.86 -22.73 -38.44
CA ARG C 46 25.62 -21.92 -39.38
C ARG C 46 26.24 -20.77 -38.60
N ILE C 47 27.52 -20.50 -38.85
CA ILE C 47 28.31 -19.58 -38.05
C ILE C 47 28.92 -18.52 -38.95
N SER C 48 28.68 -17.26 -38.62
CA SER C 48 29.30 -16.15 -39.33
C SER C 48 30.79 -16.12 -39.04
N GLY C 49 31.54 -15.45 -39.92
CA GLY C 49 32.98 -15.40 -39.79
C GLY C 49 33.50 -14.44 -38.76
N LEU C 50 32.62 -13.65 -38.15
CA LEU C 50 33.00 -12.69 -37.13
C LEU C 50 32.73 -13.18 -35.72
N ILE C 51 32.14 -14.37 -35.57
CA ILE C 51 31.89 -14.92 -34.25
C ILE C 51 33.19 -15.24 -33.52
N TYR C 52 34.26 -15.51 -34.26
CA TYR C 52 35.45 -16.07 -33.63
C TYR C 52 36.12 -15.05 -32.71
N GLU C 53 36.36 -13.84 -33.21
CA GLU C 53 36.98 -12.81 -32.38
C GLU C 53 36.07 -12.41 -31.22
N GLU C 54 34.77 -12.33 -31.48
CA GLU C 54 33.81 -12.02 -30.42
C GLU C 54 33.89 -13.05 -29.30
N THR C 55 33.91 -14.34 -29.66
CA THR C 55 33.97 -15.40 -28.67
C THR C 55 35.30 -15.39 -27.92
N ARG C 56 36.40 -15.10 -28.62
CA ARG C 56 37.68 -15.00 -27.93
C ARG C 56 37.68 -13.87 -26.91
N GLY C 57 37.11 -12.72 -27.27
CA GLY C 57 36.99 -11.63 -26.31
C GLY C 57 36.14 -12.01 -25.11
N VAL C 58 35.00 -12.66 -25.35
CA VAL C 58 34.12 -13.07 -24.27
C VAL C 58 34.84 -14.03 -23.34
N LEU C 59 35.56 -15.00 -23.91
CA LEU C 59 36.28 -15.97 -23.12
C LEU C 59 37.38 -15.31 -22.29
N LYS C 60 38.09 -14.35 -22.87
CA LYS C 60 39.14 -13.67 -22.12
C LYS C 60 38.55 -12.88 -20.97
N VAL C 61 37.39 -12.25 -21.18
CA VAL C 61 36.73 -11.53 -20.10
C VAL C 61 36.38 -12.49 -18.96
N PHE C 62 35.77 -13.63 -19.31
CA PHE C 62 35.38 -14.60 -18.28
C PHE C 62 36.60 -15.11 -17.52
N LEU C 63 37.65 -15.47 -18.23
CA LEU C 63 38.84 -16.02 -17.58
C LEU C 63 39.51 -15.00 -16.69
N GLU C 64 39.63 -13.75 -17.15
CA GLU C 64 40.19 -12.70 -16.31
C GLU C 64 39.37 -12.52 -15.04
N ASN C 65 38.05 -12.47 -15.17
CA ASN C 65 37.19 -12.29 -14.02
C ASN C 65 37.36 -13.41 -13.01
N VAL C 66 37.41 -14.66 -13.48
CA VAL C 66 37.51 -15.78 -12.55
C VAL C 66 38.89 -15.85 -11.92
N ILE C 67 39.95 -15.62 -12.71
CA ILE C 67 41.30 -15.70 -12.19
C ILE C 67 41.54 -14.61 -11.16
N ARG C 68 40.94 -13.44 -11.33
CA ARG C 68 41.08 -12.38 -10.33
C ARG C 68 40.66 -12.87 -8.95
N ASP C 69 39.47 -13.47 -8.86
CA ASP C 69 38.98 -13.93 -7.57
C ASP C 69 39.76 -15.15 -7.07
N ALA C 70 40.18 -16.03 -7.99
CA ALA C 70 40.98 -17.18 -7.57
C ALA C 70 42.29 -16.73 -6.94
N VAL C 71 42.98 -15.77 -7.55
CA VAL C 71 44.23 -15.31 -6.97
C VAL C 71 43.97 -14.48 -5.72
N THR C 72 42.81 -13.82 -5.64
CA THR C 72 42.42 -13.18 -4.39
C THR C 72 42.36 -14.19 -3.25
N TYR C 73 41.67 -15.31 -3.48
CA TYR C 73 41.61 -16.36 -2.47
C TYR C 73 43.00 -16.92 -2.16
N THR C 74 43.83 -17.10 -3.18
CA THR C 74 45.16 -17.65 -2.97
C THR C 74 46.00 -16.71 -2.11
N GLU C 75 45.92 -15.41 -2.36
CA GLU C 75 46.64 -14.45 -1.53
C GLU C 75 46.06 -14.37 -0.12
N HIS C 76 44.75 -14.50 0.02
CA HIS C 76 44.14 -14.53 1.35
C HIS C 76 44.65 -15.73 2.14
N ALA C 77 44.86 -16.86 1.47
CA ALA C 77 45.50 -18.00 2.11
C ALA C 77 47.01 -17.90 2.14
N LYS C 78 47.57 -16.86 1.50
CA LYS C 78 49.01 -16.59 1.50
C LYS C 78 49.80 -17.80 1.00
N ARG C 79 49.49 -18.21 -0.23
CA ARG C 79 50.19 -19.29 -0.91
C ARG C 79 50.68 -18.81 -2.26
N LYS C 80 51.69 -19.49 -2.79
CA LYS C 80 52.18 -19.24 -4.14
C LYS C 80 51.62 -20.19 -5.17
N THR C 81 50.70 -21.07 -4.78
CA THR C 81 50.07 -22.01 -5.70
C THR C 81 48.56 -21.82 -5.68
N VAL C 82 47.96 -21.77 -6.85
CA VAL C 82 46.50 -21.68 -6.96
C VAL C 82 45.96 -23.09 -7.13
N THR C 83 45.04 -23.48 -6.26
CA THR C 83 44.50 -24.84 -6.25
C THR C 83 43.13 -24.86 -6.89
N ALA C 84 42.62 -26.09 -7.09
CA ALA C 84 41.29 -26.26 -7.65
C ALA C 84 40.22 -25.72 -6.71
N MET C 85 40.46 -25.81 -5.40
CA MET C 85 39.45 -25.34 -4.45
C MET C 85 39.26 -23.84 -4.53
N ASP C 86 40.34 -23.08 -4.79
CA ASP C 86 40.19 -21.65 -5.00
C ASP C 86 39.33 -21.35 -6.21
N VAL C 87 39.52 -22.11 -7.30
CA VAL C 87 38.72 -21.91 -8.50
C VAL C 87 37.26 -22.25 -8.23
N VAL C 88 37.02 -23.35 -7.49
CA VAL C 88 35.65 -23.74 -7.16
C VAL C 88 34.98 -22.68 -6.31
N TYR C 89 35.70 -22.14 -5.32
CA TYR C 89 35.15 -21.06 -4.51
C TYR C 89 34.86 -19.83 -5.34
N ALA C 90 35.78 -19.45 -6.24
CA ALA C 90 35.57 -18.28 -7.07
C ALA C 90 34.34 -18.45 -7.95
N LEU C 91 34.19 -19.62 -8.55
CA LEU C 91 33.03 -19.87 -9.40
C LEU C 91 31.74 -19.88 -8.59
N LYS C 92 31.77 -20.47 -7.39
CA LYS C 92 30.57 -20.51 -6.55
C LYS C 92 30.17 -19.11 -6.12
N ARG C 93 31.14 -18.27 -5.78
CA ARG C 93 30.85 -16.89 -5.41
C ARG C 93 30.19 -16.13 -6.56
N GLN C 94 30.40 -16.55 -7.79
CA GLN C 94 29.87 -15.91 -8.97
C GLN C 94 28.57 -16.56 -9.43
N GLY C 95 28.00 -17.43 -8.62
CA GLY C 95 26.77 -18.13 -8.97
C GLY C 95 26.92 -19.11 -10.11
N ARG C 96 28.06 -19.80 -10.18
CA ARG C 96 28.35 -20.75 -11.25
C ARG C 96 28.94 -22.02 -10.65
N THR C 97 28.28 -22.57 -9.63
CA THR C 97 28.83 -23.69 -8.88
C THR C 97 29.18 -24.85 -9.81
N LEU C 98 30.37 -25.41 -9.60
CA LEU C 98 30.93 -26.46 -10.45
C LEU C 98 31.11 -27.72 -9.62
N TYR C 99 30.34 -28.76 -9.95
CA TYR C 99 30.37 -30.02 -9.22
C TYR C 99 31.42 -30.95 -9.80
N GLY C 100 32.25 -31.50 -8.93
CA GLY C 100 33.14 -32.57 -9.36
C GLY C 100 34.61 -32.33 -9.12
N PHE C 101 34.96 -31.22 -8.46
CA PHE C 101 36.35 -30.92 -8.16
C PHE C 101 36.57 -30.64 -6.68
N GLY C 102 35.55 -30.87 -5.85
CA GLY C 102 35.68 -30.64 -4.42
C GLY C 102 34.59 -29.74 -3.87
N ARG D 41 -5.17 16.65 -33.98
CA ARG D 41 -4.47 15.37 -34.00
C ARG D 41 -2.99 15.54 -34.30
N TYR D 42 -2.15 14.82 -33.56
CA TYR D 42 -0.72 14.75 -33.81
C TYR D 42 -0.34 13.35 -34.25
N ARG D 43 0.90 13.20 -34.68
CA ARG D 43 1.40 11.89 -35.05
C ARG D 43 1.56 11.02 -33.80
N PRO D 44 1.25 9.72 -33.89
CA PRO D 44 1.66 8.80 -32.82
C PRO D 44 3.17 8.70 -32.74
N GLY D 45 3.74 9.18 -31.64
CA GLY D 45 5.19 9.17 -31.46
C GLY D 45 5.74 10.38 -30.74
N THR D 46 5.05 11.52 -30.83
CA THR D 46 5.36 12.64 -29.95
C THR D 46 4.85 12.36 -28.54
N VAL D 47 3.62 11.86 -28.45
CA VAL D 47 3.09 11.40 -27.17
C VAL D 47 3.96 10.29 -26.61
N ALA D 48 4.59 9.50 -27.49
CA ALA D 48 5.48 8.44 -27.05
C ALA D 48 6.61 8.98 -26.20
N LEU D 49 7.35 9.95 -26.74
CA LEU D 49 8.47 10.54 -25.99
C LEU D 49 7.95 11.30 -24.77
N ARG D 50 6.82 12.00 -24.91
CA ARG D 50 6.29 12.76 -23.78
C ARG D 50 6.00 11.86 -22.59
N GLU D 51 5.27 10.77 -22.83
CA GLU D 51 4.91 9.86 -21.74
C GLU D 51 6.12 9.08 -21.24
N ILE D 52 7.03 8.71 -22.15
CA ILE D 52 8.24 8.01 -21.72
C ILE D 52 9.03 8.86 -20.73
N ARG D 53 9.25 10.13 -21.08
CA ARG D 53 10.00 11.00 -20.17
C ARG D 53 9.23 11.27 -18.89
N ARG D 54 7.90 11.49 -19.00
CA ARG D 54 7.11 11.76 -17.80
C ARG D 54 7.14 10.58 -16.83
N TYR D 55 7.02 9.36 -17.34
CA TYR D 55 7.06 8.18 -16.48
C TYR D 55 8.46 7.89 -15.95
N GLN D 56 9.49 8.06 -16.77
CA GLN D 56 10.85 7.80 -16.29
C GLN D 56 11.27 8.82 -15.24
N LYS D 57 10.74 10.04 -15.31
CA LYS D 57 11.08 11.04 -14.31
C LYS D 57 10.47 10.73 -12.95
N SER D 58 9.25 10.21 -12.93
CA SER D 58 8.48 10.05 -11.69
C SER D 58 8.66 8.66 -11.12
N THR D 59 8.80 8.57 -9.79
CA THR D 59 8.84 7.31 -9.07
C THR D 59 7.50 6.99 -8.42
N GLU D 60 6.40 7.42 -9.02
CA GLU D 60 5.08 7.17 -8.49
C GLU D 60 4.50 5.91 -9.12
N LEU D 61 3.62 5.24 -8.38
CA LEU D 61 3.11 3.95 -8.79
C LEU D 61 2.19 4.08 -9.99
N LEU D 62 2.33 3.15 -10.94
CA LEU D 62 1.54 3.16 -12.18
C LEU D 62 0.35 2.22 -12.14
N ILE D 63 0.12 1.54 -11.02
CA ILE D 63 -0.99 0.61 -10.88
C ILE D 63 -1.89 1.10 -9.76
N ARG D 64 -3.20 0.93 -9.92
CA ARG D 64 -4.14 1.36 -8.91
C ARG D 64 -4.06 0.44 -7.69
N LYS D 65 -4.17 1.04 -6.51
CA LYS D 65 -3.80 0.35 -5.27
C LYS D 65 -4.79 -0.75 -4.92
N LEU D 66 -6.09 -0.45 -4.94
CA LEU D 66 -7.08 -1.44 -4.54
C LEU D 66 -7.10 -2.68 -5.44
N PRO D 67 -7.08 -2.56 -6.77
CA PRO D 67 -7.01 -3.80 -7.59
C PRO D 67 -5.80 -4.65 -7.30
N PHE D 68 -4.63 -4.04 -7.12
CA PHE D 68 -3.43 -4.81 -6.82
C PHE D 68 -3.53 -5.47 -5.45
N GLN D 69 -4.08 -4.76 -4.47
CA GLN D 69 -4.25 -5.34 -3.15
C GLN D 69 -5.22 -6.51 -3.18
N ARG D 70 -6.32 -6.38 -3.91
CA ARG D 70 -7.27 -7.48 -4.04
C ARG D 70 -6.60 -8.68 -4.70
N LEU D 71 -5.79 -8.43 -5.73
CA LEU D 71 -5.08 -9.53 -6.39
C LEU D 71 -4.10 -10.21 -5.44
N VAL D 72 -3.38 -9.42 -4.64
CA VAL D 72 -2.41 -9.99 -3.71
C VAL D 72 -3.12 -10.85 -2.68
N ARG D 73 -4.24 -10.35 -2.13
CA ARG D 73 -4.99 -11.14 -1.16
C ARG D 73 -5.55 -12.40 -1.79
N GLU D 74 -6.02 -12.32 -3.04
CA GLU D 74 -6.52 -13.51 -3.73
C GLU D 74 -5.42 -14.55 -3.89
N ILE D 75 -4.23 -14.11 -4.31
CA ILE D 75 -3.13 -15.06 -4.50
C ILE D 75 -2.72 -15.68 -3.16
N ALA D 76 -2.60 -14.86 -2.13
CA ALA D 76 -2.16 -15.36 -0.83
C ALA D 76 -3.20 -16.25 -0.16
N GLN D 77 -4.49 -16.08 -0.50
CA GLN D 77 -5.53 -16.90 0.11
C GLN D 77 -5.36 -18.38 -0.23
N ASP D 78 -4.64 -18.70 -1.31
CA ASP D 78 -4.43 -20.08 -1.72
C ASP D 78 -3.31 -20.76 -0.95
N PHE D 79 -2.56 -20.02 -0.13
CA PHE D 79 -1.49 -20.59 0.68
C PHE D 79 -1.89 -20.80 2.13
N LYS D 80 -2.35 -19.75 2.81
CA LYS D 80 -2.86 -19.86 4.17
C LYS D 80 -4.11 -19.00 4.29
N THR D 81 -5.22 -19.64 4.66
CA THR D 81 -6.47 -18.91 4.81
C THR D 81 -6.42 -18.01 6.05
N ASP D 82 -7.30 -17.01 6.05
CA ASP D 82 -7.46 -16.10 7.19
C ASP D 82 -6.15 -15.35 7.47
N LEU D 83 -5.61 -14.72 6.43
CA LEU D 83 -4.35 -14.01 6.54
C LEU D 83 -4.59 -12.50 6.58
N ARG D 84 -3.64 -11.78 7.17
CA ARG D 84 -3.71 -10.33 7.25
C ARG D 84 -2.43 -9.73 6.67
N PHE D 85 -2.53 -8.48 6.26
CA PHE D 85 -1.45 -7.81 5.54
C PHE D 85 -1.25 -6.42 6.12
N GLN D 86 0.01 -6.06 6.37
CA GLN D 86 0.33 -4.67 6.62
C GLN D 86 0.20 -3.86 5.33
N SER D 87 -0.15 -2.59 5.48
CA SER D 87 -0.24 -1.73 4.30
C SER D 87 1.11 -1.58 3.62
N SER D 88 2.17 -1.38 4.39
CA SER D 88 3.50 -1.26 3.80
C SER D 88 3.95 -2.54 3.13
N ALA D 89 3.44 -3.70 3.56
CA ALA D 89 3.77 -4.96 2.88
C ALA D 89 3.27 -4.94 1.44
N VAL D 90 1.98 -4.63 1.25
CA VAL D 90 1.45 -4.60 -0.11
C VAL D 90 2.06 -3.44 -0.90
N MET D 91 2.46 -2.36 -0.21
CA MET D 91 3.15 -1.28 -0.91
C MET D 91 4.47 -1.76 -1.48
N ALA D 92 5.28 -2.46 -0.67
CA ALA D 92 6.54 -3.00 -1.16
C ALA D 92 6.32 -4.01 -2.27
N LEU D 93 5.29 -4.86 -2.13
CA LEU D 93 4.97 -5.80 -3.19
C LEU D 93 4.68 -5.08 -4.50
N GLN D 94 3.88 -4.03 -4.44
CA GLN D 94 3.53 -3.31 -5.66
C GLN D 94 4.74 -2.63 -6.29
N GLU D 95 5.60 -2.04 -5.46
CA GLU D 95 6.79 -1.40 -6.00
C GLU D 95 7.71 -2.42 -6.68
N ALA D 96 7.91 -3.57 -6.05
CA ALA D 96 8.74 -4.61 -6.64
C ALA D 96 8.15 -5.13 -7.94
N SER D 97 6.83 -5.33 -7.97
CA SER D 97 6.17 -5.82 -9.18
C SER D 97 6.33 -4.82 -10.32
N GLU D 98 6.14 -3.53 -10.03
CA GLU D 98 6.30 -2.52 -11.07
C GLU D 98 7.71 -2.48 -11.60
N ALA D 99 8.71 -2.53 -10.71
CA ALA D 99 10.10 -2.51 -11.17
C ALA D 99 10.42 -3.73 -12.03
N TYR D 100 9.93 -4.91 -11.62
CA TYR D 100 10.15 -6.11 -12.39
C TYR D 100 9.53 -6.00 -13.78
N LEU D 101 8.29 -5.52 -13.85
CA LEU D 101 7.63 -5.39 -15.15
C LEU D 101 8.33 -4.37 -16.04
N VAL D 102 8.85 -3.29 -15.45
CA VAL D 102 9.57 -2.29 -16.25
C VAL D 102 10.83 -2.91 -16.85
N ALA D 103 11.58 -3.65 -16.03
CA ALA D 103 12.79 -4.29 -16.54
C ALA D 103 12.47 -5.30 -17.63
N LEU D 104 11.40 -6.09 -17.43
CA LEU D 104 11.00 -7.07 -18.42
C LEU D 104 10.60 -6.39 -19.73
N PHE D 105 9.92 -5.25 -19.64
CA PHE D 105 9.53 -4.53 -20.85
C PHE D 105 10.73 -3.93 -21.56
N GLU D 106 11.75 -3.51 -20.82
CA GLU D 106 12.98 -3.04 -21.46
C GLU D 106 13.65 -4.18 -22.25
N ASP D 107 13.75 -5.35 -21.63
CA ASP D 107 14.35 -6.49 -22.34
C ASP D 107 13.51 -6.88 -23.54
N THR D 108 12.18 -6.84 -23.40
CA THR D 108 11.29 -7.11 -24.53
C THR D 108 11.51 -6.12 -25.66
N ASN D 109 11.71 -4.85 -25.32
CA ASN D 109 11.97 -3.85 -26.36
C ASN D 109 13.27 -4.17 -27.09
N LEU D 110 14.31 -4.56 -26.36
CA LEU D 110 15.57 -4.93 -27.02
C LEU D 110 15.36 -6.10 -27.97
N CYS D 111 14.64 -7.14 -27.50
CA CYS D 111 14.41 -8.31 -28.33
C CYS D 111 13.55 -7.99 -29.54
N ALA D 112 12.68 -6.99 -29.43
CA ALA D 112 11.86 -6.58 -30.57
C ALA D 112 12.67 -5.81 -31.59
N ILE D 113 13.53 -4.89 -31.14
CA ILE D 113 14.41 -4.18 -32.06
C ILE D 113 15.37 -5.13 -32.74
N HIS D 114 15.69 -6.25 -32.09
CA HIS D 114 16.53 -7.25 -32.75
C HIS D 114 15.87 -7.81 -34.00
N ALA D 115 14.56 -8.06 -33.93
CA ALA D 115 13.80 -8.60 -35.04
C ALA D 115 13.40 -7.53 -36.06
N LYS D 116 13.96 -6.31 -35.93
CA LYS D 116 13.65 -5.19 -36.81
C LYS D 116 12.15 -4.88 -36.80
N ARG D 117 11.67 -4.56 -35.59
CA ARG D 117 10.28 -4.17 -35.38
C ARG D 117 10.25 -2.99 -34.43
N VAL D 118 9.09 -2.34 -34.37
CA VAL D 118 8.81 -1.40 -33.29
C VAL D 118 7.68 -1.86 -32.39
N THR D 119 6.85 -2.79 -32.82
CA THR D 119 5.82 -3.39 -31.98
C THR D 119 6.45 -4.52 -31.17
N ILE D 120 6.16 -4.57 -29.88
CA ILE D 120 6.55 -5.71 -29.07
C ILE D 120 5.45 -6.77 -29.15
N MET D 121 5.85 -8.03 -29.17
CA MET D 121 4.91 -9.13 -29.33
C MET D 121 5.18 -10.18 -28.25
N PRO D 122 4.22 -11.08 -27.97
CA PRO D 122 4.45 -12.06 -26.90
C PRO D 122 5.71 -12.91 -27.10
N LYS D 123 6.06 -13.22 -28.34
CA LYS D 123 7.30 -13.96 -28.58
C LYS D 123 8.51 -13.21 -28.03
N ASP D 124 8.49 -11.88 -28.10
CA ASP D 124 9.57 -11.10 -27.52
C ASP D 124 9.65 -11.28 -26.01
N ILE D 125 8.49 -11.28 -25.34
CA ILE D 125 8.48 -11.42 -23.89
C ILE D 125 8.97 -12.80 -23.49
N GLN D 126 8.53 -13.84 -24.19
CA GLN D 126 8.97 -15.19 -23.84
C GLN D 126 10.45 -15.37 -24.15
N LEU D 127 10.94 -14.74 -25.22
CA LEU D 127 12.37 -14.79 -25.49
C LEU D 127 13.17 -14.11 -24.38
N ALA D 128 12.72 -12.94 -23.95
CA ALA D 128 13.42 -12.24 -22.88
C ALA D 128 13.44 -13.07 -21.60
N ARG D 129 12.31 -13.66 -21.24
CA ARG D 129 12.27 -14.50 -20.05
C ARG D 129 13.13 -15.73 -20.18
N ARG D 130 13.16 -16.36 -21.36
CA ARG D 130 13.91 -17.60 -21.49
C ARG D 130 15.42 -17.35 -21.52
N ILE D 131 15.86 -16.22 -22.08
CA ILE D 131 17.27 -15.88 -21.98
C ILE D 131 17.63 -15.49 -20.55
N ARG D 132 16.75 -14.75 -19.86
CA ARG D 132 17.01 -14.42 -18.47
C ARG D 132 17.07 -15.67 -17.61
N GLY D 133 16.11 -16.58 -17.79
CA GLY D 133 16.15 -17.83 -17.07
C GLY D 133 14.86 -18.23 -16.36
N GLU D 134 13.82 -17.42 -16.48
CA GLU D 134 12.57 -17.74 -15.79
C GLU D 134 11.86 -18.95 -16.37
N ARG D 135 12.26 -19.43 -17.54
CA ARG D 135 11.62 -20.59 -18.15
C ARG D 135 12.65 -21.63 -18.57
N LYS E 9 -21.73 -14.34 -18.17
CA LYS E 9 -20.59 -13.79 -17.43
C LYS E 9 -21.05 -13.10 -16.15
N GLY E 10 -22.30 -12.65 -16.14
CA GLY E 10 -22.82 -11.94 -14.98
C GLY E 10 -23.99 -11.07 -15.38
N LEU E 11 -24.28 -10.08 -14.53
CA LEU E 11 -25.37 -9.15 -14.79
C LEU E 11 -25.02 -8.08 -15.83
N GLY E 12 -23.78 -8.05 -16.33
CA GLY E 12 -23.48 -7.01 -17.30
C GLY E 12 -23.48 -5.63 -16.68
N LYS E 13 -22.44 -5.31 -15.90
CA LYS E 13 -22.38 -4.16 -15.00
C LYS E 13 -23.09 -2.92 -15.54
N GLY E 14 -22.97 -2.66 -16.84
CA GLY E 14 -23.67 -1.54 -17.44
C GLY E 14 -25.18 -1.70 -17.42
N GLY E 15 -25.86 -0.74 -16.79
CA GLY E 15 -27.31 -0.75 -16.74
C GLY E 15 -27.93 -1.48 -15.57
N ALA E 16 -27.13 -2.12 -14.73
CA ALA E 16 -27.66 -2.89 -13.61
C ALA E 16 -27.79 -2.07 -12.33
N LYS E 17 -26.83 -1.17 -12.08
CA LYS E 17 -26.85 -0.27 -10.93
C LYS E 17 -26.88 -1.05 -9.61
N ARG E 18 -25.79 -1.78 -9.36
CA ARG E 18 -25.60 -2.45 -8.08
C ARG E 18 -24.91 -1.51 -7.09
N HIS E 19 -25.17 -1.75 -5.81
CA HIS E 19 -24.46 -1.02 -4.76
C HIS E 19 -23.10 -1.64 -4.48
N ARG E 20 -23.05 -2.97 -4.40
CA ARG E 20 -21.81 -3.71 -4.20
C ARG E 20 -21.70 -4.83 -5.22
N LYS E 21 -20.47 -5.13 -5.61
CA LYS E 21 -20.18 -6.14 -6.63
C LYS E 21 -19.62 -7.40 -5.98
N VAL E 22 -19.72 -8.51 -6.71
CA VAL E 22 -19.16 -9.76 -6.24
C VAL E 22 -17.63 -9.68 -6.22
N LEU E 23 -17.04 -8.96 -7.18
CA LEU E 23 -15.61 -8.68 -7.21
C LEU E 23 -14.79 -9.97 -7.27
N ARG E 24 -14.96 -10.68 -8.37
CA ARG E 24 -14.19 -11.88 -8.66
C ARG E 24 -13.26 -11.63 -9.85
N ASP E 25 -12.33 -12.55 -10.06
CA ASP E 25 -11.41 -12.52 -11.20
C ASP E 25 -10.62 -11.21 -11.23
N ASN E 26 -9.81 -11.05 -10.19
CA ASN E 26 -9.14 -9.78 -9.92
C ASN E 26 -7.84 -9.59 -10.70
N ILE E 27 -7.39 -10.60 -11.45
CA ILE E 27 -6.21 -10.40 -12.29
C ILE E 27 -6.52 -9.39 -13.39
N GLN E 28 -7.78 -9.30 -13.81
CA GLN E 28 -8.17 -8.26 -14.75
C GLN E 28 -8.14 -6.87 -14.13
N GLY E 29 -7.99 -6.78 -12.80
CA GLY E 29 -7.81 -5.50 -12.17
C GLY E 29 -6.54 -4.80 -12.62
N ILE E 30 -5.62 -5.54 -13.22
CA ILE E 30 -4.47 -4.94 -13.89
C ILE E 30 -4.93 -4.56 -15.29
N THR E 31 -5.50 -3.37 -15.42
CA THR E 31 -6.11 -2.96 -16.67
C THR E 31 -5.04 -2.68 -17.71
N LYS E 32 -5.44 -2.78 -18.98
CA LYS E 32 -4.46 -2.60 -20.06
C LYS E 32 -3.94 -1.17 -20.16
N PRO E 33 -4.66 -0.12 -19.76
CA PRO E 33 -4.00 1.20 -19.65
C PRO E 33 -2.82 1.18 -18.69
N ALA E 34 -2.92 0.45 -17.59
CA ALA E 34 -1.80 0.32 -16.66
C ALA E 34 -0.63 -0.41 -17.31
N ILE E 35 -0.94 -1.48 -18.05
CA ILE E 35 0.10 -2.23 -18.74
C ILE E 35 0.79 -1.36 -19.77
N ARG E 36 0.01 -0.55 -20.50
CA ARG E 36 0.62 0.40 -21.44
C ARG E 36 1.49 1.41 -20.70
N ARG E 37 1.03 1.91 -19.55
CA ARG E 37 1.86 2.84 -18.80
C ARG E 37 3.19 2.20 -18.41
N LEU E 38 3.15 0.95 -17.97
CA LEU E 38 4.38 0.25 -17.62
C LEU E 38 5.29 0.07 -18.84
N ALA E 39 4.71 -0.29 -19.98
CA ALA E 39 5.52 -0.49 -21.19
C ALA E 39 6.16 0.81 -21.65
N ARG E 40 5.39 1.90 -21.64
CA ARG E 40 5.91 3.21 -22.03
C ARG E 40 6.98 3.67 -21.05
N ARG E 41 6.82 3.36 -19.76
CA ARG E 41 7.92 3.47 -18.82
C ARG E 41 9.14 2.69 -19.29
N GLY E 42 8.91 1.50 -19.85
CA GLY E 42 9.98 0.64 -20.30
C GLY E 42 10.59 0.99 -21.63
N GLY E 43 10.11 2.06 -22.27
CA GLY E 43 10.65 2.50 -23.55
C GLY E 43 9.94 1.95 -24.76
N VAL E 44 8.91 1.13 -24.57
CA VAL E 44 8.21 0.54 -25.70
C VAL E 44 7.36 1.60 -26.39
N LYS E 45 7.48 1.70 -27.72
CA LYS E 45 6.74 2.69 -28.48
C LYS E 45 5.37 2.19 -28.93
N ARG E 46 5.27 0.92 -29.31
CA ARG E 46 4.05 0.37 -29.85
C ARG E 46 3.86 -1.02 -29.29
N ILE E 47 2.62 -1.39 -28.99
CA ILE E 47 2.31 -2.61 -28.24
C ILE E 47 1.33 -3.44 -29.05
N SER E 48 1.57 -4.74 -29.13
CA SER E 48 0.63 -5.64 -29.77
C SER E 48 -0.60 -5.82 -28.90
N GLY E 49 -1.63 -6.46 -29.45
CA GLY E 49 -2.87 -6.64 -28.74
C GLY E 49 -2.88 -7.85 -27.84
N LEU E 50 -1.85 -8.69 -27.95
CA LEU E 50 -1.75 -9.91 -27.16
C LEU E 50 -0.76 -9.78 -26.00
N ILE E 51 -0.17 -8.60 -25.81
CA ILE E 51 0.77 -8.40 -24.71
C ILE E 51 0.06 -8.47 -23.36
N TYR E 52 -1.24 -8.18 -23.33
CA TYR E 52 -1.91 -7.97 -22.05
C TYR E 52 -2.08 -9.29 -21.30
N GLU E 53 -2.54 -10.33 -22.00
CA GLU E 53 -2.65 -11.64 -21.35
C GLU E 53 -1.29 -12.14 -20.89
N GLU E 54 -0.27 -11.97 -21.74
CA GLU E 54 1.08 -12.42 -21.39
C GLU E 54 1.59 -11.70 -20.14
N THR E 55 1.38 -10.39 -20.07
CA THR E 55 1.86 -9.63 -18.91
C THR E 55 1.07 -9.98 -17.66
N ARG E 56 -0.23 -10.25 -17.78
CA ARG E 56 -0.99 -10.68 -16.62
C ARG E 56 -0.47 -12.02 -16.11
N GLY E 57 -0.18 -12.96 -17.01
CA GLY E 57 0.38 -14.23 -16.58
C GLY E 57 1.74 -14.07 -15.91
N VAL E 58 2.60 -13.24 -16.48
CA VAL E 58 3.93 -13.01 -15.93
C VAL E 58 3.83 -12.42 -14.53
N LEU E 59 2.97 -11.41 -14.37
CA LEU E 59 2.80 -10.78 -13.07
C LEU E 59 2.24 -11.76 -12.05
N LYS E 60 1.28 -12.60 -12.46
CA LYS E 60 0.73 -13.59 -11.55
C LYS E 60 1.80 -14.55 -11.08
N VAL E 61 2.66 -15.01 -12.00
CA VAL E 61 3.72 -15.95 -11.64
C VAL E 61 4.68 -15.31 -10.64
N PHE E 62 5.12 -14.08 -10.94
CA PHE E 62 6.05 -13.39 -10.06
C PHE E 62 5.44 -13.18 -8.67
N LEU E 63 4.17 -12.78 -8.63
CA LEU E 63 3.51 -12.53 -7.36
C LEU E 63 3.36 -13.81 -6.55
N GLU E 64 3.00 -14.92 -7.20
CA GLU E 64 2.94 -16.19 -6.48
C GLU E 64 4.31 -16.56 -5.92
N ASN E 65 5.37 -16.38 -6.71
CA ASN E 65 6.70 -16.72 -6.24
C ASN E 65 7.09 -15.91 -5.01
N VAL E 66 6.80 -14.61 -5.01
CA VAL E 66 7.18 -13.79 -3.85
C VAL E 66 6.28 -14.08 -2.66
N ILE E 67 4.98 -14.26 -2.90
CA ILE E 67 4.02 -14.42 -1.80
C ILE E 67 4.22 -15.75 -1.10
N ARG E 68 4.59 -16.81 -1.82
CA ARG E 68 4.83 -18.09 -1.16
C ARG E 68 5.95 -17.96 -0.13
N ASP E 69 7.04 -17.28 -0.52
CA ASP E 69 8.14 -17.10 0.42
C ASP E 69 7.74 -16.18 1.57
N ALA E 70 7.00 -15.11 1.29
CA ALA E 70 6.58 -14.22 2.36
C ALA E 70 5.70 -14.93 3.38
N VAL E 71 4.76 -15.75 2.90
CA VAL E 71 3.90 -16.51 3.79
C VAL E 71 4.70 -17.56 4.56
N THR E 72 5.71 -18.17 3.94
CA THR E 72 6.56 -19.09 4.67
C THR E 72 7.28 -18.39 5.82
N TYR E 73 7.89 -17.24 5.54
CA TYR E 73 8.55 -16.47 6.59
C TYR E 73 7.57 -16.11 7.70
N THR E 74 6.36 -15.70 7.34
CA THR E 74 5.36 -15.32 8.33
C THR E 74 4.95 -16.50 9.19
N GLU E 75 4.70 -17.65 8.56
CA GLU E 75 4.31 -18.84 9.30
C GLU E 75 5.41 -19.29 10.26
N HIS E 76 6.68 -19.13 9.87
CA HIS E 76 7.76 -19.55 10.76
C HIS E 76 7.77 -18.73 12.05
N ALA E 77 7.47 -17.44 11.95
CA ALA E 77 7.51 -16.56 13.11
C ALA E 77 6.23 -16.59 13.93
N LYS E 78 5.35 -17.56 13.72
CA LYS E 78 4.13 -17.75 14.50
C LYS E 78 3.14 -16.60 14.32
N ARG E 79 3.32 -15.76 13.32
CA ARG E 79 2.46 -14.59 13.15
C ARG E 79 1.27 -14.91 12.26
N LYS E 80 0.32 -13.98 12.22
CA LYS E 80 -0.83 -14.03 11.34
C LYS E 80 -0.83 -12.95 10.27
N THR E 81 -0.03 -11.91 10.43
CA THR E 81 0.04 -10.81 9.48
C THR E 81 1.38 -10.83 8.76
N VAL E 82 1.35 -10.65 7.44
CA VAL E 82 2.55 -10.60 6.63
C VAL E 82 3.13 -9.19 6.76
N THR E 83 4.23 -9.06 7.49
CA THR E 83 4.84 -7.76 7.70
C THR E 83 5.54 -7.30 6.42
N ALA E 84 6.15 -6.12 6.49
CA ALA E 84 6.91 -5.61 5.35
C ALA E 84 8.33 -6.15 5.33
N MET E 85 8.90 -6.44 6.49
CA MET E 85 10.18 -7.13 6.53
C MET E 85 10.09 -8.49 5.86
N ASP E 86 8.94 -9.16 5.99
CA ASP E 86 8.76 -10.44 5.32
C ASP E 86 8.84 -10.29 3.81
N VAL E 87 8.18 -9.28 3.27
CA VAL E 87 8.20 -9.07 1.83
C VAL E 87 9.59 -8.66 1.36
N VAL E 88 10.25 -7.78 2.10
CA VAL E 88 11.62 -7.40 1.77
C VAL E 88 12.53 -8.62 1.78
N TYR E 89 12.30 -9.52 2.72
CA TYR E 89 13.14 -10.70 2.90
C TYR E 89 12.93 -11.68 1.76
N ALA E 90 11.67 -11.89 1.37
CA ALA E 90 11.37 -12.77 0.24
C ALA E 90 11.90 -12.19 -1.07
N LEU E 91 11.86 -10.86 -1.21
CA LEU E 91 12.43 -10.25 -2.41
C LEU E 91 13.94 -10.39 -2.44
N LYS E 92 14.60 -10.15 -1.30
CA LYS E 92 16.05 -10.30 -1.23
C LYS E 92 16.46 -11.74 -1.49
N ARG E 93 15.60 -12.70 -1.12
CA ARG E 93 15.87 -14.10 -1.44
C ARG E 93 15.86 -14.35 -2.94
N GLN E 94 15.20 -13.50 -3.72
CA GLN E 94 15.11 -13.67 -5.17
C GLN E 94 16.25 -12.97 -5.91
N GLY E 95 17.23 -12.44 -5.20
CA GLY E 95 18.26 -11.66 -5.85
C GLY E 95 17.79 -10.32 -6.35
N ARG E 96 16.75 -9.77 -5.73
CA ARG E 96 16.14 -8.50 -6.11
C ARG E 96 15.94 -7.63 -4.87
N THR E 97 17.01 -7.48 -4.09
CA THR E 97 16.92 -6.78 -2.81
C THR E 97 16.35 -5.38 -2.99
N LEU E 98 15.32 -5.06 -2.20
CA LEU E 98 14.59 -3.81 -2.30
C LEU E 98 14.99 -2.90 -1.15
N TYR E 99 15.29 -1.64 -1.47
CA TYR E 99 15.64 -0.64 -0.47
C TYR E 99 14.51 0.35 -0.33
N GLY E 100 14.29 0.83 0.90
CA GLY E 100 13.19 1.72 1.21
C GLY E 100 12.59 1.40 2.56
N PHE E 101 12.74 0.15 3.01
CA PHE E 101 12.30 -0.28 4.33
C PHE E 101 13.37 -1.03 5.11
N GLY E 102 14.52 -1.30 4.49
CA GLY E 102 15.61 -1.97 5.16
C GLY E 102 16.47 -2.70 4.16
N GLY E 103 17.52 -3.34 4.66
CA GLY E 103 18.44 -4.09 3.83
C GLY E 103 19.08 -5.27 4.53
N ALA F 13 26.52 -48.70 29.19
CA ALA F 13 25.61 -49.40 28.30
C ALA F 13 26.26 -49.66 26.94
N LYS F 14 25.44 -50.04 25.97
CA LYS F 14 25.91 -50.31 24.61
C LYS F 14 25.63 -49.08 23.74
N ALA F 15 26.65 -48.66 23.00
CA ALA F 15 26.57 -47.44 22.21
C ALA F 15 25.82 -47.71 20.91
N LYS F 16 24.84 -46.85 20.61
CA LYS F 16 24.12 -46.88 19.35
C LYS F 16 24.20 -45.50 18.73
N THR F 17 24.55 -45.43 17.46
CA THR F 17 24.62 -44.15 16.77
C THR F 17 23.24 -43.53 16.68
N ARG F 18 23.21 -42.19 16.64
CA ARG F 18 21.95 -41.49 16.49
C ARG F 18 21.29 -41.81 15.16
N SER F 19 22.11 -42.09 14.14
CA SER F 19 21.57 -42.47 12.84
C SER F 19 20.75 -43.75 12.93
N SER F 20 21.24 -44.73 13.68
CA SER F 20 20.49 -45.97 13.86
C SER F 20 19.17 -45.71 14.57
N ARG F 21 19.17 -44.81 15.57
CA ARG F 21 17.95 -44.51 16.29
C ARG F 21 16.93 -43.79 15.40
N ALA F 22 17.39 -42.89 14.54
CA ALA F 22 16.47 -42.15 13.69
C ALA F 22 16.13 -42.88 12.40
N GLY F 23 16.64 -44.09 12.21
CA GLY F 23 16.34 -44.84 11.00
C GLY F 23 16.99 -44.31 9.75
N LEU F 24 18.18 -43.73 9.85
CA LEU F 24 18.84 -43.12 8.71
C LEU F 24 20.09 -43.90 8.31
N GLN F 25 20.69 -43.51 7.19
CA GLN F 25 21.99 -44.00 6.76
C GLN F 25 23.05 -42.91 6.78
N PHE F 26 22.70 -41.68 6.46
CA PHE F 26 23.65 -40.58 6.63
C PHE F 26 23.95 -40.41 8.12
N PRO F 27 25.16 -39.97 8.45
CA PRO F 27 25.51 -39.81 9.86
C PRO F 27 24.79 -38.61 10.47
N VAL F 28 24.61 -38.67 11.78
CA VAL F 28 23.98 -37.57 12.49
C VAL F 28 25.02 -36.89 13.37
N GLY F 29 26.01 -37.66 13.81
CA GLY F 29 27.11 -37.07 14.55
C GLY F 29 27.98 -36.17 13.69
N ARG F 30 28.27 -36.61 12.47
CA ARG F 30 29.09 -35.80 11.57
C ARG F 30 28.34 -34.56 11.11
N VAL F 31 27.05 -34.70 10.80
CA VAL F 31 26.25 -33.54 10.45
C VAL F 31 26.18 -32.57 11.61
N HIS F 32 26.02 -33.09 12.83
CA HIS F 32 25.97 -32.22 14.00
C HIS F 32 27.30 -31.49 14.19
N ARG F 33 28.41 -32.19 14.01
CA ARG F 33 29.71 -31.53 14.13
C ARG F 33 29.89 -30.43 13.09
N LEU F 34 29.47 -30.70 11.85
CA LEU F 34 29.58 -29.68 10.80
C LEU F 34 28.68 -28.50 11.10
N LEU F 35 27.51 -28.74 11.69
CA LEU F 35 26.65 -27.65 12.12
C LEU F 35 27.32 -26.81 13.19
N ARG F 36 27.94 -27.46 14.18
CA ARG F 36 28.63 -26.72 15.23
C ARG F 36 29.78 -25.89 14.67
N LYS F 37 30.66 -26.51 13.89
CA LYS F 37 31.88 -25.85 13.43
C LYS F 37 31.65 -24.87 12.30
N GLY F 38 30.44 -24.80 11.75
CA GLY F 38 30.15 -23.83 10.70
C GLY F 38 29.80 -22.45 11.19
N ASN F 39 29.69 -22.26 12.50
CA ASN F 39 29.36 -20.96 13.10
C ASN F 39 28.02 -20.44 12.59
N TYR F 40 27.11 -21.36 12.27
CA TYR F 40 25.78 -20.95 11.83
C TYR F 40 25.00 -20.33 12.98
N ALA F 41 25.14 -20.88 14.18
CA ALA F 41 24.52 -20.31 15.37
C ALA F 41 25.37 -20.68 16.58
N GLU F 42 24.98 -20.13 17.73
CA GLU F 42 25.70 -20.46 18.96
C GLU F 42 25.33 -21.83 19.50
N ARG F 43 24.07 -22.26 19.36
CA ARG F 43 23.64 -23.56 19.83
C ARG F 43 22.93 -24.30 18.73
N VAL F 44 23.06 -25.62 18.72
CA VAL F 44 22.42 -26.49 17.74
C VAL F 44 21.52 -27.45 18.50
N GLY F 45 20.28 -27.57 18.06
CA GLY F 45 19.30 -28.37 18.76
C GLY F 45 19.56 -29.85 18.74
N ALA F 46 18.53 -30.64 19.04
CA ALA F 46 18.64 -32.09 19.06
C ALA F 46 18.00 -32.75 17.85
N GLY F 47 17.10 -32.04 17.16
CA GLY F 47 16.47 -32.59 15.99
C GLY F 47 16.94 -31.94 14.70
N ALA F 48 17.74 -30.88 14.81
CA ALA F 48 18.30 -30.25 13.62
C ALA F 48 19.26 -31.17 12.87
N PRO F 49 20.24 -31.82 13.51
CA PRO F 49 21.05 -32.78 12.75
C PRO F 49 20.24 -33.93 12.19
N VAL F 50 19.25 -34.40 12.93
CA VAL F 50 18.45 -35.53 12.46
C VAL F 50 17.62 -35.12 11.25
N TYR F 51 16.97 -33.96 11.32
CA TYR F 51 16.19 -33.48 10.19
C TYR F 51 17.05 -33.24 8.98
N LEU F 52 18.23 -32.65 9.18
CA LEU F 52 19.10 -32.36 8.05
C LEU F 52 19.64 -33.63 7.42
N ALA F 53 20.02 -34.62 8.23
CA ALA F 53 20.46 -35.89 7.69
C ALA F 53 19.36 -36.59 6.92
N ALA F 54 18.12 -36.54 7.43
CA ALA F 54 17.00 -37.13 6.71
C ALA F 54 16.79 -36.45 5.36
N VAL F 55 16.87 -35.12 5.33
CA VAL F 55 16.65 -34.40 4.07
C VAL F 55 17.75 -34.75 3.06
N LEU F 56 19.00 -34.80 3.53
CA LEU F 56 20.10 -35.14 2.64
C LEU F 56 19.94 -36.56 2.10
N GLU F 57 19.53 -37.49 2.96
CA GLU F 57 19.30 -38.85 2.51
C GLU F 57 18.21 -38.91 1.44
N TYR F 58 17.11 -38.18 1.65
CA TYR F 58 16.05 -38.19 0.66
C TYR F 58 16.53 -37.68 -0.70
N LEU F 59 17.21 -36.53 -0.71
CA LEU F 59 17.65 -35.97 -1.98
C LEU F 59 18.64 -36.89 -2.68
N THR F 60 19.60 -37.43 -1.92
CA THR F 60 20.55 -38.36 -2.51
C THR F 60 19.85 -39.58 -3.08
N ALA F 61 18.87 -40.13 -2.36
CA ALA F 61 18.18 -41.32 -2.84
C ALA F 61 17.42 -41.04 -4.13
N GLU F 62 16.76 -39.89 -4.22
CA GLU F 62 15.99 -39.59 -5.43
C GLU F 62 16.91 -39.42 -6.63
N ILE F 63 17.98 -38.63 -6.48
CA ILE F 63 18.88 -38.45 -7.61
C ILE F 63 19.55 -39.76 -7.99
N LEU F 64 19.88 -40.60 -7.01
CA LEU F 64 20.50 -41.87 -7.31
C LEU F 64 19.54 -42.80 -8.03
N GLU F 65 18.26 -42.75 -7.69
CA GLU F 65 17.27 -43.56 -8.40
C GLU F 65 17.17 -43.12 -9.86
N LEU F 66 17.06 -41.80 -10.08
CA LEU F 66 16.96 -41.31 -11.45
C LEU F 66 18.21 -41.63 -12.25
N ALA F 67 19.39 -41.44 -11.65
CA ALA F 67 20.63 -41.73 -12.35
C ALA F 67 20.81 -43.22 -12.61
N GLY F 68 20.35 -44.07 -11.69
CA GLY F 68 20.40 -45.49 -11.95
C GLY F 68 19.51 -45.90 -13.11
N ASN F 69 18.32 -45.34 -13.18
CA ASN F 69 17.46 -45.60 -14.34
C ASN F 69 18.12 -45.12 -15.64
N ALA F 70 18.68 -43.91 -15.62
CA ALA F 70 19.31 -43.37 -16.82
C ALA F 70 20.53 -44.18 -17.23
N ALA F 71 21.25 -44.76 -16.27
CA ALA F 71 22.38 -45.62 -16.60
C ALA F 71 21.91 -46.97 -17.14
N ARG F 72 20.79 -47.47 -16.61
CA ARG F 72 20.23 -48.71 -17.14
C ARG F 72 19.77 -48.52 -18.58
N ASP F 73 19.27 -47.33 -18.92
CA ASP F 73 18.83 -47.06 -20.28
C ASP F 73 19.95 -47.27 -21.30
N ASN F 74 21.19 -46.92 -20.96
CA ASN F 74 22.32 -47.11 -21.87
C ASN F 74 22.96 -48.48 -21.72
N LYS F 75 22.24 -49.44 -21.15
CA LYS F 75 22.73 -50.81 -20.97
C LYS F 75 24.06 -50.84 -20.21
N LYS F 76 24.12 -50.06 -19.14
CA LYS F 76 25.29 -50.03 -18.27
C LYS F 76 24.87 -50.35 -16.85
N THR F 77 25.78 -50.99 -16.12
CA THR F 77 25.55 -51.35 -14.72
C THR F 77 26.28 -50.44 -13.76
N ARG F 78 26.72 -49.27 -14.22
CA ARG F 78 27.50 -48.34 -13.41
C ARG F 78 27.01 -46.94 -13.72
N ILE F 79 27.29 -46.00 -12.83
CA ILE F 79 26.88 -44.61 -13.02
C ILE F 79 28.10 -43.75 -13.29
N ILE F 80 27.99 -42.86 -14.27
CA ILE F 80 29.05 -41.94 -14.65
C ILE F 80 28.45 -40.54 -14.68
N PRO F 81 29.24 -39.47 -14.72
CA PRO F 81 28.65 -38.12 -14.68
C PRO F 81 27.62 -37.86 -15.76
N ARG F 82 27.72 -38.53 -16.91
CA ARG F 82 26.74 -38.33 -17.96
C ARG F 82 25.34 -38.75 -17.50
N HIS F 83 25.24 -39.85 -16.76
CA HIS F 83 23.92 -40.28 -16.30
C HIS F 83 23.37 -39.36 -15.23
N LEU F 84 24.23 -38.80 -14.38
CA LEU F 84 23.76 -37.79 -13.44
C LEU F 84 23.26 -36.55 -14.17
N GLN F 85 23.97 -36.14 -15.22
CA GLN F 85 23.54 -34.99 -16.01
C GLN F 85 22.19 -35.26 -16.66
N LEU F 86 22.01 -36.47 -17.21
CA LEU F 86 20.74 -36.82 -17.81
C LEU F 86 19.61 -36.86 -16.79
N ALA F 87 19.87 -37.43 -15.61
CA ALA F 87 18.83 -37.54 -14.60
C ALA F 87 18.40 -36.17 -14.08
N VAL F 88 19.37 -35.29 -13.83
CA VAL F 88 19.05 -33.98 -13.26
C VAL F 88 18.33 -33.11 -14.29
N ARG F 89 18.82 -33.10 -15.52
CA ARG F 89 18.29 -32.20 -16.55
C ARG F 89 17.05 -32.75 -17.24
N ASN F 90 16.62 -33.97 -16.92
CA ASN F 90 15.35 -34.48 -17.43
C ASN F 90 14.21 -34.31 -16.44
N ASP F 91 14.48 -34.35 -15.15
CA ASP F 91 13.45 -34.11 -14.15
C ASP F 91 13.28 -32.60 -13.94
N GLU F 92 12.02 -32.17 -13.87
CA GLU F 92 11.72 -30.74 -13.82
C GLU F 92 12.17 -30.13 -12.49
N GLU F 93 11.84 -30.78 -11.38
CA GLU F 93 12.10 -30.19 -10.07
C GLU F 93 13.60 -30.22 -9.74
N LEU F 94 14.29 -31.29 -10.12
CA LEU F 94 15.73 -31.33 -9.93
C LEU F 94 16.42 -30.33 -10.85
N ASN F 95 15.90 -30.13 -12.05
CA ASN F 95 16.42 -29.09 -12.94
C ASN F 95 16.27 -27.72 -12.30
N LYS F 96 15.13 -27.45 -11.67
CA LYS F 96 14.96 -26.18 -10.97
C LYS F 96 15.91 -26.07 -9.79
N LEU F 97 16.10 -27.15 -9.03
CA LEU F 97 16.98 -27.10 -7.87
C LEU F 97 18.43 -26.90 -8.28
N LEU F 98 18.87 -27.58 -9.34
CA LEU F 98 20.26 -27.54 -9.79
C LEU F 98 20.39 -26.77 -11.11
N GLY F 99 19.61 -25.70 -11.26
CA GLY F 99 19.65 -24.94 -12.50
C GLY F 99 20.96 -24.22 -12.73
N ARG F 100 21.61 -23.76 -11.65
CA ARG F 100 22.83 -22.98 -11.74
C ARG F 100 24.07 -23.79 -11.39
N VAL F 101 24.12 -25.07 -11.79
CA VAL F 101 25.20 -25.97 -11.44
C VAL F 101 25.80 -26.53 -12.73
N THR F 102 27.12 -26.64 -12.77
CA THR F 102 27.85 -27.26 -13.86
C THR F 102 28.38 -28.60 -13.39
N ILE F 103 27.77 -29.68 -13.87
CA ILE F 103 28.21 -31.03 -13.53
C ILE F 103 29.40 -31.38 -14.42
N ALA F 104 30.53 -31.70 -13.81
CA ALA F 104 31.75 -31.97 -14.56
C ALA F 104 31.59 -33.25 -15.38
N GLN F 105 32.16 -33.22 -16.60
CA GLN F 105 32.11 -34.36 -17.52
C GLN F 105 30.68 -34.81 -17.81
N GLY F 106 29.73 -33.88 -17.72
CA GLY F 106 28.33 -34.21 -17.91
C GLY F 106 27.86 -34.09 -19.34
N GLY F 107 28.33 -33.09 -20.04
CA GLY F 107 27.92 -32.85 -21.40
C GLY F 107 26.67 -32.00 -21.49
N VAL F 108 25.99 -32.12 -22.63
CA VAL F 108 24.78 -31.36 -22.93
C VAL F 108 23.72 -32.33 -23.42
N LEU F 109 22.46 -32.03 -23.10
CA LEU F 109 21.36 -32.83 -23.59
C LEU F 109 21.26 -32.68 -25.11
N PRO F 110 21.01 -33.76 -25.84
CA PRO F 110 20.77 -33.64 -27.28
C PRO F 110 19.42 -32.99 -27.57
N ASN F 111 19.46 -31.79 -28.15
CA ASN F 111 18.23 -31.03 -28.45
C ASN F 111 18.55 -30.03 -29.54
N ILE F 112 17.98 -30.24 -30.72
CA ILE F 112 18.18 -29.37 -31.87
C ILE F 112 16.91 -28.58 -32.12
N GLN F 113 17.05 -27.33 -32.57
CA GLN F 113 15.90 -26.50 -32.84
C GLN F 113 15.12 -27.01 -34.05
N SER F 114 13.87 -26.55 -34.16
CA SER F 114 12.99 -27.04 -35.22
C SER F 114 13.52 -26.68 -36.61
N VAL F 115 13.82 -25.41 -36.83
CA VAL F 115 14.09 -24.91 -38.17
C VAL F 115 15.46 -25.31 -38.71
N LEU F 116 16.35 -25.78 -37.85
CA LEU F 116 17.69 -26.16 -38.29
C LEU F 116 17.72 -27.50 -39.01
N LEU F 117 16.66 -28.29 -38.90
CA LEU F 117 16.53 -29.50 -39.70
C LEU F 117 16.26 -29.12 -41.17
N PRO F 118 16.60 -30.00 -42.11
CA PRO F 118 16.42 -29.65 -43.52
C PRO F 118 14.96 -29.49 -43.89
N LYS F 119 14.71 -28.63 -44.88
CA LYS F 119 13.37 -28.34 -45.34
C LYS F 119 13.33 -28.20 -46.85
N THR G 30 47.08 -37.53 5.60
CA THR G 30 46.15 -36.83 6.49
C THR G 30 44.71 -37.24 6.19
N ARG G 31 43.94 -37.49 7.25
CA ARG G 31 42.58 -37.97 7.09
C ARG G 31 41.71 -36.92 6.40
N LYS G 32 40.87 -37.40 5.49
CA LYS G 32 39.90 -36.57 4.78
C LYS G 32 38.54 -37.23 4.88
N GLU G 33 37.50 -36.41 5.04
CA GLU G 33 36.15 -36.90 5.26
C GLU G 33 35.29 -36.64 4.03
N SER G 34 34.47 -37.63 3.69
CA SER G 34 33.58 -37.55 2.54
C SER G 34 32.44 -38.53 2.74
N TYR G 35 31.37 -38.33 1.97
CA TYR G 35 30.17 -39.14 2.07
C TYR G 35 30.15 -40.32 1.11
N ALA G 36 31.31 -40.81 0.71
CA ALA G 36 31.35 -41.88 -0.28
C ALA G 36 30.61 -43.12 0.21
N ILE G 37 30.90 -43.54 1.44
CA ILE G 37 30.28 -44.76 1.97
C ILE G 37 28.78 -44.60 2.15
N TYR G 38 28.32 -43.42 2.57
CA TYR G 38 26.90 -43.23 2.83
C TYR G 38 26.11 -43.21 1.52
N VAL G 39 26.63 -42.51 0.51
CA VAL G 39 25.97 -42.52 -0.78
C VAL G 39 26.02 -43.91 -1.40
N TYR G 40 27.09 -44.66 -1.14
CA TYR G 40 27.16 -46.02 -1.65
C TYR G 40 26.10 -46.91 -1.01
N LYS G 41 25.89 -46.76 0.30
CA LYS G 41 24.83 -47.53 0.96
C LYS G 41 23.45 -47.13 0.45
N VAL G 42 23.22 -45.84 0.24
CA VAL G 42 21.95 -45.39 -0.33
C VAL G 42 21.76 -46.01 -1.71
N LEU G 43 22.79 -45.98 -2.54
CA LEU G 43 22.70 -46.53 -3.89
C LEU G 43 22.39 -48.02 -3.84
N LYS G 44 23.06 -48.76 -2.97
CA LYS G 44 22.78 -50.19 -2.85
C LYS G 44 21.38 -50.46 -2.33
N GLN G 45 20.80 -49.56 -1.53
CA GLN G 45 19.40 -49.72 -1.19
C GLN G 45 18.49 -49.46 -2.38
N VAL G 46 18.84 -48.48 -3.22
CA VAL G 46 17.96 -48.13 -4.34
C VAL G 46 18.08 -49.15 -5.46
N HIS G 47 19.27 -49.30 -6.03
CA HIS G 47 19.50 -50.26 -7.10
C HIS G 47 20.55 -51.28 -6.64
N PRO G 48 20.13 -52.46 -6.19
CA PRO G 48 21.09 -53.41 -5.59
C PRO G 48 22.17 -53.90 -6.53
N ASP G 49 22.00 -53.75 -7.84
CA ASP G 49 22.97 -54.25 -8.81
C ASP G 49 23.45 -53.12 -9.72
N THR G 50 23.69 -51.96 -9.13
CA THR G 50 24.20 -50.80 -9.87
C THR G 50 25.35 -50.20 -9.10
N GLY G 51 26.49 -50.06 -9.76
CA GLY G 51 27.65 -49.46 -9.15
C GLY G 51 27.71 -47.97 -9.42
N ILE G 52 28.86 -47.39 -9.09
CA ILE G 52 29.08 -45.96 -9.33
C ILE G 52 30.58 -45.74 -9.49
N SER G 53 30.93 -44.87 -10.44
CA SER G 53 32.33 -44.58 -10.71
C SER G 53 32.88 -43.55 -9.73
N SER G 54 34.18 -43.29 -9.84
CA SER G 54 34.82 -42.32 -8.95
C SER G 54 34.35 -40.90 -9.26
N LYS G 55 34.19 -40.57 -10.54
CA LYS G 55 33.79 -39.21 -10.89
C LYS G 55 32.38 -38.90 -10.43
N ALA G 56 31.45 -39.84 -10.63
CA ALA G 56 30.10 -39.66 -10.12
C ALA G 56 30.10 -39.60 -8.60
N MET G 57 31.02 -40.32 -7.96
CA MET G 57 31.13 -40.26 -6.51
C MET G 57 31.54 -38.87 -6.05
N SER G 58 32.54 -38.29 -6.70
CA SER G 58 32.98 -36.94 -6.35
C SER G 58 31.87 -35.93 -6.63
N ILE G 59 31.11 -36.13 -7.70
CA ILE G 59 30.01 -35.23 -7.99
C ILE G 59 28.94 -35.32 -6.91
N MET G 60 28.64 -36.53 -6.43
CA MET G 60 27.65 -36.68 -5.38
C MET G 60 28.14 -36.07 -4.07
N ASN G 61 29.43 -36.20 -3.78
CA ASN G 61 29.98 -35.54 -2.60
C ASN G 61 29.82 -34.03 -2.68
N SER G 62 30.17 -33.44 -3.83
CA SER G 62 29.99 -32.00 -4.00
C SER G 62 28.53 -31.61 -3.90
N PHE G 63 27.62 -32.44 -4.43
CA PHE G 63 26.19 -32.15 -4.35
C PHE G 63 25.72 -32.13 -2.91
N VAL G 64 26.10 -33.13 -2.12
CA VAL G 64 25.63 -33.20 -0.75
C VAL G 64 26.20 -32.05 0.07
N ASN G 65 27.46 -31.70 -0.16
CA ASN G 65 28.05 -30.56 0.55
C ASN G 65 27.36 -29.26 0.18
N ASP G 66 27.03 -29.09 -1.10
CA ASP G 66 26.35 -27.86 -1.53
C ASP G 66 24.96 -27.75 -0.92
N VAL G 67 24.20 -28.85 -0.91
CA VAL G 67 22.88 -28.81 -0.31
C VAL G 67 22.96 -28.58 1.19
N PHE G 68 23.94 -29.21 1.85
CA PHE G 68 24.14 -28.98 3.28
C PHE G 68 24.41 -27.51 3.55
N GLU G 69 25.30 -26.89 2.78
CA GLU G 69 25.62 -25.49 2.99
C GLU G 69 24.41 -24.60 2.73
N ARG G 70 23.64 -24.91 1.68
CA ARG G 70 22.46 -24.10 1.36
C ARG G 70 21.45 -24.14 2.49
N ILE G 71 21.07 -25.35 2.93
CA ILE G 71 20.06 -25.48 3.96
C ILE G 71 20.55 -24.88 5.27
N ALA G 72 21.82 -25.12 5.61
CA ALA G 72 22.35 -24.61 6.87
C ALA G 72 22.41 -23.09 6.87
N GLY G 73 22.77 -22.47 5.74
CA GLY G 73 22.77 -21.02 5.66
C GLY G 73 21.38 -20.43 5.76
N GLU G 74 20.41 -21.06 5.08
CA GLU G 74 19.03 -20.59 5.19
C GLU G 74 18.54 -20.68 6.63
N ALA G 75 18.84 -21.78 7.32
CA ALA G 75 18.41 -21.92 8.70
C ALA G 75 19.12 -20.94 9.62
N SER G 76 20.41 -20.69 9.37
CA SER G 76 21.14 -19.74 10.19
C SER G 76 20.55 -18.34 10.05
N ARG G 77 20.25 -17.92 8.83
CA ARG G 77 19.64 -16.62 8.66
C ARG G 77 18.22 -16.60 9.21
N LEU G 78 17.51 -17.72 9.14
CA LEU G 78 16.18 -17.79 9.75
C LEU G 78 16.27 -17.56 11.25
N ALA G 79 17.26 -18.16 11.90
CA ALA G 79 17.47 -17.92 13.32
C ALA G 79 17.82 -16.46 13.59
N HIS G 80 18.70 -15.88 12.77
CA HIS G 80 19.11 -14.49 13.02
C HIS G 80 17.94 -13.52 12.82
N TYR G 81 17.03 -13.85 11.91
CA TYR G 81 15.84 -13.02 11.70
C TYR G 81 14.96 -12.94 12.94
N ASN G 82 14.67 -14.08 13.54
CA ASN G 82 13.79 -14.12 14.71
C ASN G 82 14.52 -13.85 16.01
N LYS G 83 15.72 -13.27 15.95
CA LYS G 83 16.52 -12.94 17.13
C LYS G 83 16.80 -14.15 18.01
N ARG G 84 16.73 -15.35 17.44
CA ARG G 84 17.10 -16.56 18.16
C ARG G 84 18.60 -16.78 18.07
N SER G 85 19.09 -17.78 18.80
CA SER G 85 20.50 -18.16 18.70
C SER G 85 20.65 -19.68 18.72
N THR G 86 19.63 -20.42 18.27
CA THR G 86 19.66 -21.87 18.32
C THR G 86 18.95 -22.42 17.10
N ILE G 87 19.69 -23.14 16.25
CA ILE G 87 19.07 -23.82 15.12
C ILE G 87 18.40 -25.10 15.60
N THR G 88 17.11 -25.24 15.32
CA THR G 88 16.37 -26.42 15.73
C THR G 88 15.69 -27.07 14.54
N SER G 89 14.83 -28.06 14.80
CA SER G 89 14.11 -28.73 13.71
C SER G 89 13.26 -27.75 12.93
N ARG G 90 12.71 -26.73 13.59
CA ARG G 90 11.78 -25.82 12.93
C ARG G 90 12.49 -25.00 11.85
N GLU G 91 13.67 -24.45 12.17
CA GLU G 91 14.41 -23.69 11.18
C GLU G 91 14.80 -24.57 10.00
N ILE G 92 15.19 -25.82 10.26
CA ILE G 92 15.56 -26.73 9.17
C ILE G 92 14.35 -27.01 8.30
N GLN G 93 13.19 -27.24 8.91
CA GLN G 93 11.98 -27.50 8.15
C GLN G 93 11.61 -26.29 7.28
N THR G 94 11.73 -25.08 7.83
CA THR G 94 11.36 -23.91 7.05
C THR G 94 12.36 -23.65 5.93
N ALA G 95 13.65 -23.89 6.19
CA ALA G 95 14.65 -23.76 5.13
C ALA G 95 14.41 -24.78 4.02
N VAL G 96 14.03 -26.00 4.39
CA VAL G 96 13.70 -27.02 3.40
C VAL G 96 12.49 -26.58 2.58
N ARG G 97 11.47 -26.05 3.23
CA ARG G 97 10.29 -25.56 2.53
C ARG G 97 10.66 -24.44 1.57
N LEU G 98 11.54 -23.53 1.99
CA LEU G 98 11.95 -22.42 1.13
C LEU G 98 12.72 -22.91 -0.09
N LEU G 99 13.75 -23.74 0.13
CA LEU G 99 14.66 -24.07 -0.96
C LEU G 99 14.06 -25.06 -1.94
N LEU G 100 13.57 -26.19 -1.46
CA LEU G 100 13.16 -27.26 -2.35
C LEU G 100 11.83 -26.91 -3.00
N PRO G 101 11.75 -26.95 -4.34
CA PRO G 101 10.50 -26.57 -5.02
C PRO G 101 9.52 -27.70 -5.18
N GLY G 102 8.23 -27.40 -5.01
CA GLY G 102 7.17 -28.33 -5.37
C GLY G 102 7.17 -29.59 -4.51
N GLU G 103 6.97 -30.73 -5.18
CA GLU G 103 6.78 -32.00 -4.49
C GLU G 103 8.00 -32.39 -3.67
N LEU G 104 9.19 -31.93 -4.08
CA LEU G 104 10.40 -32.24 -3.33
C LEU G 104 10.30 -31.74 -1.90
N ALA G 105 9.82 -30.50 -1.72
CA ALA G 105 9.64 -29.96 -0.39
C ALA G 105 8.64 -30.79 0.42
N LYS G 106 7.54 -31.20 -0.21
CA LYS G 106 6.55 -32.01 0.47
C LYS G 106 7.17 -33.29 1.01
N HIS G 107 7.84 -34.05 0.13
CA HIS G 107 8.37 -35.34 0.55
C HIS G 107 9.51 -35.17 1.54
N ALA G 108 10.36 -34.16 1.35
CA ALA G 108 11.46 -33.94 2.27
C ALA G 108 10.95 -33.59 3.66
N VAL G 109 9.95 -32.71 3.74
CA VAL G 109 9.37 -32.37 5.04
C VAL G 109 8.74 -33.60 5.68
N SER G 110 8.01 -34.39 4.89
CA SER G 110 7.37 -35.59 5.43
C SER G 110 8.40 -36.54 6.03
N GLU G 111 9.44 -36.88 5.26
CA GLU G 111 10.40 -37.87 5.72
C GLU G 111 11.25 -37.32 6.86
N GLY G 112 11.57 -36.02 6.84
CA GLY G 112 12.30 -35.43 7.95
C GLY G 112 11.52 -35.48 9.24
N THR G 113 10.23 -35.14 9.18
CA THR G 113 9.38 -35.24 10.36
C THR G 113 9.26 -36.68 10.84
N LYS G 114 9.17 -37.62 9.91
CA LYS G 114 9.13 -39.03 10.31
C LYS G 114 10.41 -39.44 11.02
N ALA G 115 11.56 -39.01 10.51
CA ALA G 115 12.84 -39.35 11.13
C ALA G 115 12.95 -38.74 12.52
N VAL G 116 12.55 -37.48 12.67
CA VAL G 116 12.62 -36.84 13.99
C VAL G 116 11.68 -37.54 14.97
N THR G 117 10.48 -37.90 14.50
CA THR G 117 9.53 -38.58 15.37
C THR G 117 10.06 -39.94 15.81
N LYS G 118 10.69 -40.68 14.89
CA LYS G 118 11.26 -41.97 15.27
C LYS G 118 12.43 -41.80 16.22
N TYR G 119 13.26 -40.78 16.02
CA TYR G 119 14.39 -40.56 16.91
C TYR G 119 13.93 -40.20 18.31
N THR G 120 12.91 -39.34 18.42
CA THR G 120 12.41 -38.95 19.72
C THR G 120 11.62 -40.07 20.39
N SER G 121 10.88 -40.85 19.61
CA SER G 121 10.02 -41.89 20.18
C SER G 121 10.82 -43.04 20.79
N ALA G 122 12.07 -43.22 20.42
CA ALA G 122 12.89 -44.29 20.97
C ALA G 122 14.38 -44.02 20.75
N THR J 837 -12.36 38.89 25.86
CA THR J 837 -12.86 40.15 26.39
C THR J 837 -13.04 41.17 25.26
N LEU J 838 -12.48 40.84 24.10
CA LEU J 838 -12.56 41.72 22.95
C LEU J 838 -13.98 41.85 22.42
N LEU J 839 -14.76 40.77 22.44
CA LEU J 839 -16.15 40.85 22.03
C LEU J 839 -16.93 41.83 22.91
N LYS J 840 -16.61 41.88 24.20
CA LYS J 840 -17.23 42.82 25.11
C LYS J 840 -16.88 44.27 24.74
N THR J 841 -15.62 44.54 24.42
CA THR J 841 -15.21 45.92 24.13
C THR J 841 -15.67 46.34 22.74
N SER J 842 -15.99 45.38 21.87
CA SER J 842 -16.41 45.71 20.51
C SER J 842 -17.71 46.51 20.52
N MET J 843 -18.69 46.08 21.32
CA MET J 843 -19.90 46.88 21.48
C MET J 843 -19.65 48.12 22.34
N GLY J 844 -18.58 48.14 23.11
CA GLY J 844 -18.24 49.24 23.99
C GLY J 844 -17.47 50.38 23.35
N LEU J 845 -17.40 50.42 22.03
CA LEU J 845 -16.69 51.47 21.31
C LEU J 845 -17.30 52.84 21.59
PB ADP K . -23.05 30.78 7.37
O1B ADP K . -22.38 31.95 8.05
O2B ADP K . -22.34 30.29 6.13
O3B ADP K . -23.50 29.69 8.30
PA ADP K . -24.41 32.26 5.47
O1A ADP K . -23.49 33.44 5.63
O2A ADP K . -24.21 31.30 4.32
O3A ADP K . -24.41 31.42 6.83
O5' ADP K . -25.90 32.83 5.38
C5' ADP K . -26.30 33.47 4.18
C4' ADP K . -27.80 33.71 4.18
O4' ADP K . -28.14 34.54 5.30
C3' ADP K . -28.20 34.44 2.91
O3' ADP K . -29.07 33.62 2.14
C2' ADP K . -28.92 35.69 3.37
O2' ADP K . -30.30 35.60 3.00
C1' ADP K . -28.79 35.74 4.87
N9 ADP K . -27.92 36.88 5.24
C8 ADP K . -26.63 36.81 5.59
N7 ADP K . -26.12 38.03 5.87
C5 ADP K . -27.11 38.92 5.71
C6 ADP K . -27.25 40.38 5.84
N6 ADP K . -26.21 41.16 6.22
N1 ADP K . -28.47 40.92 5.57
C2 ADP K . -29.51 40.16 5.19
N3 ADP K . -29.45 38.83 5.06
C4 ADP K . -28.30 38.16 5.29
BE BEF L . -23.69 28.86 7.18
F1 BEF L . -24.43 29.42 8.61
F2 BEF L . -24.49 27.48 6.57
F3 BEF L . -22.25 28.29 7.85
MG MG M . -21.75 29.21 4.51
#